data_2F8W
# 
_entry.id   2F8W 
# 
_audit_conform.dict_name       mmcif_pdbx.dic 
_audit_conform.dict_version    5.377 
_audit_conform.dict_location   http://mmcif.pdb.org/dictionaries/ascii/mmcif_pdbx.dic 
# 
loop_
_database_2.database_id 
_database_2.database_code 
_database_2.pdbx_database_accession 
_database_2.pdbx_DOI 
PDB   2F8W         pdb_00002f8w 10.2210/pdb2f8w/pdb 
NDB   ZD0016       ?            ?                   
RCSB  RCSB035597   ?            ?                   
WWPDB D_1000035597 ?            ?                   
# 
_pdbx_database_status.status_code                     REL 
_pdbx_database_status.entry_id                        2F8W 
_pdbx_database_status.recvd_initial_deposition_date   2005-12-04 
_pdbx_database_status.deposit_site                    RCSB 
_pdbx_database_status.process_site                    RCSB 
_pdbx_database_status.status_code_sf                  REL 
_pdbx_database_status.status_code_mr                  ? 
_pdbx_database_status.SG_entry                        N 
_pdbx_database_status.pdb_format_compatible           Y 
_pdbx_database_status.status_code_cs                  ? 
_pdbx_database_status.methods_development_category    ? 
_pdbx_database_status.status_code_nmr_data            ? 
# 
loop_
_audit_author.name 
_audit_author.pdbx_ordinal 
'Narayana, N.'     1 
'Shamala, N.'      2 
'Ganesh, K.N.'     3 
'Viswamitra, M.A.' 4 
# 
loop_
_citation.id 
_citation.title 
_citation.journal_abbrev 
_citation.journal_volume 
_citation.page_first 
_citation.page_last 
_citation.year 
_citation.journal_id_ASTM 
_citation.country 
_citation.journal_id_ISSN 
_citation.journal_id_CSD 
_citation.book_publisher 
_citation.pdbx_database_id_PubMed 
_citation.pdbx_database_id_DOI 
primary 'Interaction between the Z-Type DNA Duplex and 1,3-Propanediamine: Crystal Structure of d(CACGTG)2 at 1.2 A Resolution' 
Biochemistry               45  1200  1211  2006 BICHAW US 0006-2960 0033 ? 16430216 10.1021/bi051569l 
1       'Structure of the pure-spermine  form of Z-DNA (magnesium free) at 1-resolution' Biochemistry               30  11388 
11402 1991 BICHAW US 0006-2960 0033 ? ?        ?                 
2       'Structure of  d(TGCGCA)2 at 293 K: comparison of the effects of sequence and temperature' 'Acta Crystallogr.,Sect.D' 58  
1381  1384  2002 ABCRE6 DK 0907-4449 0766 ? ?        ?                 
3       
;Sequence-dependent microheterogeneity of Z-DNA: The crystal and molecular structures of d(CACGCG).d(CGCGTG) and  d(CGCACG).d(CGTGCG)
;
J.Mol.Biol.                248 918   930   1995 JMOBAK UK 0022-2836 0070 ? ?        ?                 
4       'Cobalt hexammine induced  tautomeric shift in Z-DNA: the structure of d(CGCGCA)*d(TGCGCG) in two crystal forms' 
'Nucleic Acids Res.'       32  5945  5953  2004 NARHAD UK 0305-1048 0389 ? ?        ?                 
5       'Structure of d(TGCGCA)2 and a comparison to other DNA  hexamers.' 'Acta Crystallogr.,Sect.D' 54  1273  1284  1998 ABCRE6 
DK 0907-4449 0766 ? ?        ?                 
6       'Structure of d(CACGTG), Z-DNA hexamer containing AT base pairs' 'Nucleic Acids Res.'       16  8695  8705  1988 NARHAD UK 
0305-1048 0389 ? ?        ?                 
# 
loop_
_citation_author.citation_id 
_citation_author.name 
_citation_author.ordinal 
_citation_author.identifier_ORCID 
primary 'Narayana, N.'       1  ? 
primary 'Shamala, N.'        2  ? 
primary 'Ganesh, K.N.'       3  ? 
primary 'Viswamitra, M.A.'   4  ? 
1       'Egli, M.'           5  ? 
1       'Williams, L.D.'     6  ? 
1       'Gao, Q.'            7  ? 
1       'Rich, A.'           8  ? 
2       'Thiyagarajan, S.'   9  ? 
2       'Satheesh Kumar, P.' 10 ? 
2       'Rajan, S.S.'        11 ? 
2       'Gautham, N.'        12 ? 
3       'Sadasivan, C.'      13 ? 
3       'Gautham, N.'        14 ? 
4       'Thiyagarajan, S.'   15 ? 
4       'Rajan, S.S.'        16 ? 
4       'Gautham, N.'        17 ? 
5       'Harper, A.'         18 ? 
5       'Brannigan, J.A.'    19 ? 
5       'Buck, M.'           20 ? 
5       'Hewitt, L.'         21 ? 
5       'Lewis, R.J.'        22 ? 
5       'Moore, M.H.'        23 ? 
5       'Schneider, B.'      24 ? 
6       'Coll, M.'           25 ? 
6       'Fita, I.'           26 ? 
6       'Lloveras, J.'       27 ? 
6       'Subirana, J.A.'     28 ? 
6       'Bardella, F.'       29 ? 
6       'Huynh-Dinh, T.'     30 ? 
6       'Igolen, J.'         31 ? 
# 
_cell.entry_id           2F8W 
_cell.length_a           18.420 
_cell.length_b           30.740 
_cell.length_c           43.180 
_cell.angle_alpha        90.00 
_cell.angle_beta         90.00 
_cell.angle_gamma        90.00 
_cell.Z_PDB              8 
_cell.pdbx_unique_axis   ? 
_cell.length_a_esd       ? 
_cell.length_b_esd       ? 
_cell.length_c_esd       ? 
_cell.angle_alpha_esd    ? 
_cell.angle_beta_esd     ? 
_cell.angle_gamma_esd    ? 
# 
_symmetry.entry_id                         2F8W 
_symmetry.space_group_name_H-M             'P 21 21 21' 
_symmetry.pdbx_full_space_group_name_H-M   ? 
_symmetry.cell_setting                     ? 
_symmetry.Int_Tables_number                19 
_symmetry.space_group_name_Hall            ? 
# 
loop_
_entity.id 
_entity.type 
_entity.src_method 
_entity.pdbx_description 
_entity.formula_weight 
_entity.pdbx_number_of_molecules 
_entity.pdbx_ec 
_entity.pdbx_mutation 
_entity.pdbx_fragment 
_entity.details 
1 polymer     syn "5'-D(*CP*AP*CP*GP*TP*G)-3'" 1809.217 2  ? ? ? ? 
2 non-polymer syn SPERMINE                     202.340  1  ? ? ? ? 
3 non-polymer syn 1,3-DIAMINOPROPANE           74.125   1  ? ? ? ? 
4 water       nat water                        18.015   71 ? ? ? ? 
# 
_entity_poly.entity_id                      1 
_entity_poly.type                           polydeoxyribonucleotide 
_entity_poly.nstd_linkage                   no 
_entity_poly.nstd_monomer                   no 
_entity_poly.pdbx_seq_one_letter_code       '(DC)(DA)(DC)(DG)(DT)(DG)' 
_entity_poly.pdbx_seq_one_letter_code_can   CACGTG 
_entity_poly.pdbx_strand_id                 A,B 
_entity_poly.pdbx_target_identifier         ? 
# 
loop_
_entity_poly_seq.entity_id 
_entity_poly_seq.num 
_entity_poly_seq.mon_id 
_entity_poly_seq.hetero 
1 1 DC n 
1 2 DA n 
1 3 DC n 
1 4 DG n 
1 5 DT n 
1 6 DG n 
# 
_pdbx_entity_src_syn.entity_id              1 
_pdbx_entity_src_syn.pdbx_src_id            1 
_pdbx_entity_src_syn.pdbx_alt_source_flag   sample 
_pdbx_entity_src_syn.pdbx_beg_seq_num       ? 
_pdbx_entity_src_syn.pdbx_end_seq_num       ? 
_pdbx_entity_src_syn.organism_scientific    ? 
_pdbx_entity_src_syn.organism_common_name   ? 
_pdbx_entity_src_syn.ncbi_taxonomy_id       ? 
_pdbx_entity_src_syn.details                'synthetic oligonucleotide' 
# 
_struct_ref.id                         1 
_struct_ref.entity_id                  1 
_struct_ref.db_name                    PDB 
_struct_ref.db_code                    2F8W 
_struct_ref.pdbx_db_accession          2F8W 
_struct_ref.pdbx_db_isoform            ? 
_struct_ref.pdbx_seq_one_letter_code   ? 
_struct_ref.pdbx_align_begin           ? 
# 
loop_
_struct_ref_seq.align_id 
_struct_ref_seq.ref_id 
_struct_ref_seq.pdbx_PDB_id_code 
_struct_ref_seq.pdbx_strand_id 
_struct_ref_seq.seq_align_beg 
_struct_ref_seq.pdbx_seq_align_beg_ins_code 
_struct_ref_seq.seq_align_end 
_struct_ref_seq.pdbx_seq_align_end_ins_code 
_struct_ref_seq.pdbx_db_accession 
_struct_ref_seq.db_align_beg 
_struct_ref_seq.pdbx_db_align_beg_ins_code 
_struct_ref_seq.db_align_end 
_struct_ref_seq.pdbx_db_align_end_ins_code 
_struct_ref_seq.pdbx_auth_seq_align_beg 
_struct_ref_seq.pdbx_auth_seq_align_end 
1 1 2F8W A 1 ? 6 ? 2F8W 1 ? 6  ? 1 6  
2 1 2F8W B 1 ? 6 ? 2F8W 7 ? 12 ? 7 12 
# 
loop_
_chem_comp.id 
_chem_comp.type 
_chem_comp.mon_nstd_flag 
_chem_comp.name 
_chem_comp.pdbx_synonyms 
_chem_comp.formula 
_chem_comp.formula_weight 
13D non-polymer   . 1,3-DIAMINOPROPANE                   ? 'C3 H10 N2'       74.125  
DA  'DNA linking' y "2'-DEOXYADENOSINE-5'-MONOPHOSPHATE" ? 'C10 H14 N5 O6 P' 331.222 
DC  'DNA linking' y "2'-DEOXYCYTIDINE-5'-MONOPHOSPHATE"  ? 'C9 H14 N3 O7 P'  307.197 
DG  'DNA linking' y "2'-DEOXYGUANOSINE-5'-MONOPHOSPHATE" ? 'C10 H14 N5 O7 P' 347.221 
DT  'DNA linking' y "THYMIDINE-5'-MONOPHOSPHATE"         ? 'C10 H15 N2 O8 P' 322.208 
HOH non-polymer   . WATER                                ? 'H2 O'            18.015  
SPM non-polymer   . SPERMINE                             ? 'C10 H26 N4'      202.340 
# 
_exptl.entry_id          2F8W 
_exptl.method            'X-RAY DIFFRACTION' 
_exptl.crystals_number   1 
# 
_exptl_crystal.id                    1 
_exptl_crystal.density_meas          ? 
_exptl_crystal.density_Matthews      1.71 
_exptl_crystal.density_percent_sol   28.0 
_exptl_crystal.description           ? 
_exptl_crystal.F_000                 ? 
_exptl_crystal.preparation           ? 
# 
_exptl_crystal_grow.crystal_id      1 
_exptl_crystal_grow.method          'VAPOR DIFFUSION, SITTING DROP' 
_exptl_crystal_grow.temp            291 
_exptl_crystal_grow.temp_details    ? 
_exptl_crystal_grow.pH              6.5 
_exptl_crystal_grow.pdbx_details    
'7.5 mM sodium cacodylate, 2.5 mM SrCl2, 2.5 mM spermine, 50% Isopropanol, pH 6.5, VAPOR DIFFUSION, SITTING DROP, temperature 291K' 
_exptl_crystal_grow.pdbx_pH_range   . 
# 
loop_
_exptl_crystal_grow_comp.crystal_id 
_exptl_crystal_grow_comp.id 
_exptl_crystal_grow_comp.sol_id 
_exptl_crystal_grow_comp.name 
_exptl_crystal_grow_comp.volume 
_exptl_crystal_grow_comp.conc 
_exptl_crystal_grow_comp.details 
1 1 1 'sodium cacodylate' ? ? ? 
1 2 1 SrCl2               ? ? ? 
1 3 1 spermine            ? ? ? 
1 4 1 Isopropanol         ? ? ? 
1 5 1 H2O                 ? ? ? 
1 6 2 'sodium cacodylate' ? ? ? 
1 7 2 SrCl2               ? ? ? 
1 8 2 H2O                 ? ? ? 
# 
_diffrn.id                     1 
_diffrn.ambient_temp           291 
_diffrn.ambient_temp_details   ? 
_diffrn.crystal_id             1 
# 
_diffrn_detector.diffrn_id              1 
_diffrn_detector.detector               DIFFRACTOMETER 
_diffrn_detector.type                   'ENRAF-NONIUS CAD4' 
_diffrn_detector.pdbx_collection_date   1987-02-04 
_diffrn_detector.details                ? 
# 
_diffrn_radiation.diffrn_id                        1 
_diffrn_radiation.wavelength_id                    1 
_diffrn_radiation.pdbx_monochromatic_or_laue_m_l   M 
_diffrn_radiation.monochromator                    GRAPHITE 
_diffrn_radiation.pdbx_diffrn_protocol             'SINGLE WAVELENGTH' 
_diffrn_radiation.pdbx_scattering_type             x-ray 
# 
_diffrn_radiation_wavelength.id           1 
_diffrn_radiation_wavelength.wavelength   1.5418 
_diffrn_radiation_wavelength.wt           1.0 
# 
_diffrn_source.diffrn_id                   1 
_diffrn_source.source                      'SEALED TUBE' 
_diffrn_source.type                        ENRAF-NONIUS 
_diffrn_source.pdbx_synchrotron_site       ? 
_diffrn_source.pdbx_synchrotron_beamline   ? 
_diffrn_source.pdbx_wavelength             ? 
_diffrn_source.pdbx_wavelength_list        1.5418 
# 
_reflns.entry_id                     2F8W 
_reflns.observed_criterion_sigma_I   4.0 
_reflns.observed_criterion_sigma_F   2.0 
_reflns.d_resolution_low             50.0 
_reflns.d_resolution_high            1.2 
_reflns.number_obs                   5687 
_reflns.number_all                   8124 
_reflns.percent_possible_obs         70 
_reflns.pdbx_Rmerge_I_obs            ? 
_reflns.pdbx_Rsym_value              0.042 
_reflns.pdbx_netI_over_sigmaI        ? 
_reflns.B_iso_Wilson_estimate        ? 
_reflns.pdbx_redundancy              ? 
_reflns.R_free_details               ? 
_reflns.pdbx_chi_squared             ? 
_reflns.pdbx_scaling_rejects         ? 
_reflns.pdbx_diffrn_id               1 
_reflns.pdbx_ordinal                 1 
# 
_refine.entry_id                                 2F8W 
_refine.ls_number_reflns_obs                     5687 
_refine.ls_number_reflns_all                     ? 
_refine.pdbx_ls_sigma_I                          4.0 
_refine.pdbx_ls_sigma_F                          2.0 
_refine.pdbx_data_cutoff_high_absF               ? 
_refine.pdbx_data_cutoff_low_absF                ? 
_refine.pdbx_data_cutoff_high_rms_absF           ? 
_refine.ls_d_res_low                             6.0 
_refine.ls_d_res_high                            1.2 
_refine.ls_percent_reflns_obs                    70.0 
_refine.ls_R_factor_obs                          0.183 
_refine.ls_R_factor_all                          0.183 
_refine.ls_R_factor_R_work                       0.18 
_refine.ls_R_factor_R_free                       0.215 
_refine.ls_R_factor_R_free_error                 ? 
_refine.ls_R_factor_R_free_error_details         ? 
_refine.ls_percent_reflns_R_free                 1.5 
_refine.ls_number_reflns_R_free                  93 
_refine.ls_number_parameters                     ? 
_refine.ls_number_restraints                     ? 
_refine.occupancy_min                            ? 
_refine.occupancy_max                            ? 
_refine.correlation_coeff_Fo_to_Fc               ? 
_refine.correlation_coeff_Fo_to_Fc_free          ? 
_refine.B_iso_mean                               14.8 
_refine.aniso_B[1][1]                            ? 
_refine.aniso_B[2][2]                            ? 
_refine.aniso_B[3][3]                            ? 
_refine.aniso_B[1][2]                            ? 
_refine.aniso_B[1][3]                            ? 
_refine.aniso_B[2][3]                            ? 
_refine.solvent_model_details                    ? 
_refine.solvent_model_param_ksol                 ? 
_refine.solvent_model_param_bsol                 ? 
_refine.pdbx_solvent_vdw_probe_radii             ? 
_refine.pdbx_solvent_ion_probe_radii             ? 
_refine.pdbx_solvent_shrinkage_radii             ? 
_refine.pdbx_ls_cross_valid_method               THROUGHOUT 
_refine.details                                  X-PLOR 
_refine.pdbx_starting_model                      'PDB entry 1D48' 
_refine.pdbx_method_to_determine_struct          'MOLECULAR REPLACEMENT' 
_refine.pdbx_isotropic_thermal_model             Isotropic 
_refine.pdbx_stereochemistry_target_values       ? 
_refine.pdbx_stereochem_target_val_spec_case     ? 
_refine.pdbx_R_Free_selection_details            RANDOM 
_refine.pdbx_overall_ESU_R                       ? 
_refine.pdbx_overall_ESU_R_Free                  ? 
_refine.overall_SU_ML                            ? 
_refine.overall_SU_B                             ? 
_refine.ls_redundancy_reflns_obs                 ? 
_refine.overall_SU_R_Cruickshank_DPI             ? 
_refine.overall_SU_R_free                        ? 
_refine.ls_wR_factor_R_free                      ? 
_refine.ls_wR_factor_R_work                      ? 
_refine.overall_FOM_free_R_set                   ? 
_refine.overall_FOM_work_R_set                   ? 
_refine.pdbx_refine_id                           'X-RAY DIFFRACTION' 
_refine.pdbx_diffrn_id                           1 
_refine.pdbx_TLS_residual_ADP_flag               ? 
_refine.pdbx_overall_phase_error                 ? 
_refine.pdbx_overall_SU_R_free_Cruickshank_DPI   ? 
_refine.pdbx_overall_SU_R_Blow_DPI               ? 
_refine.pdbx_overall_SU_R_free_Blow_DPI          ? 
# 
_refine_hist.pdbx_refine_id                   'X-RAY DIFFRACTION' 
_refine_hist.cycle_id                         LAST 
_refine_hist.pdbx_number_atoms_protein        0 
_refine_hist.pdbx_number_atoms_nucleic_acid   240 
_refine_hist.pdbx_number_atoms_ligand         19 
_refine_hist.number_atoms_solvent             71 
_refine_hist.number_atoms_total               330 
_refine_hist.d_res_high                       1.2 
_refine_hist.d_res_low                        6.0 
# 
loop_
_refine_ls_restr.type 
_refine_ls_restr.dev_ideal 
_refine_ls_restr.dev_ideal_target 
_refine_ls_restr.weight 
_refine_ls_restr.number 
_refine_ls_restr.pdbx_refine_id 
_refine_ls_restr.pdbx_restraint_function 
x_bond_d             0.013 ? ? ? 'X-RAY DIFFRACTION' ? 
x_angle_deg          3.18  ? ? ? 'X-RAY DIFFRACTION' ? 
x_dihedral_angle_deg 32.14 ? ? ? 'X-RAY DIFFRACTION' ? 
x_improper_angle_deg 1.32  ? ? ? 'X-RAY DIFFRACTION' ? 
# 
_struct.entry_id                  2F8W 
_struct.title                     'Crystal structure of d(CACGTG)2' 
_struct.pdbx_model_details        ? 
_struct.pdbx_CASP_flag            ? 
_struct.pdbx_model_type_details   ? 
# 
_struct_keywords.entry_id        2F8W 
_struct_keywords.pdbx_keywords   DNA 
_struct_keywords.text            'd(CACGTG), Polyamine, Z-DNA, 1, 3-propanediamine, DNA' 
# 
loop_
_struct_asym.id 
_struct_asym.pdbx_blank_PDB_chainid_flag 
_struct_asym.pdbx_modified 
_struct_asym.entity_id 
_struct_asym.details 
A N N 1 ? 
B N N 1 ? 
C N N 2 ? 
D N N 3 ? 
E N N 4 ? 
F N N 4 ? 
# 
_struct_biol.id                    1 
_struct_biol.details               
;The biological assembly is a duplex. The coordinates deposited will generate the biological assembly. There is no need for symmetry operations to generate the biological assembly.
;
_struct_biol.pdbx_parent_biol_id   ? 
# 
loop_
_struct_conn.id 
_struct_conn.conn_type_id 
_struct_conn.pdbx_leaving_atom_flag 
_struct_conn.pdbx_PDB_id 
_struct_conn.ptnr1_label_asym_id 
_struct_conn.ptnr1_label_comp_id 
_struct_conn.ptnr1_label_seq_id 
_struct_conn.ptnr1_label_atom_id 
_struct_conn.pdbx_ptnr1_label_alt_id 
_struct_conn.pdbx_ptnr1_PDB_ins_code 
_struct_conn.pdbx_ptnr1_standard_comp_id 
_struct_conn.ptnr1_symmetry 
_struct_conn.ptnr2_label_asym_id 
_struct_conn.ptnr2_label_comp_id 
_struct_conn.ptnr2_label_seq_id 
_struct_conn.ptnr2_label_atom_id 
_struct_conn.pdbx_ptnr2_label_alt_id 
_struct_conn.pdbx_ptnr2_PDB_ins_code 
_struct_conn.ptnr1_auth_asym_id 
_struct_conn.ptnr1_auth_comp_id 
_struct_conn.ptnr1_auth_seq_id 
_struct_conn.ptnr2_auth_asym_id 
_struct_conn.ptnr2_auth_comp_id 
_struct_conn.ptnr2_auth_seq_id 
_struct_conn.ptnr2_symmetry 
_struct_conn.pdbx_ptnr3_label_atom_id 
_struct_conn.pdbx_ptnr3_label_seq_id 
_struct_conn.pdbx_ptnr3_label_comp_id 
_struct_conn.pdbx_ptnr3_label_asym_id 
_struct_conn.pdbx_ptnr3_label_alt_id 
_struct_conn.pdbx_ptnr3_PDB_ins_code 
_struct_conn.details 
_struct_conn.pdbx_dist_value 
_struct_conn.pdbx_value_order 
_struct_conn.pdbx_role 
hydrog1  hydrog ? ? A DC 1 N3 ? ? ? 1_555 B DG 6 N1 ? ? A DC 1 B DG 12 1_555 ? ? ? ? ? ? WATSON-CRICK ? ? ? 
hydrog2  hydrog ? ? A DC 1 N4 ? ? ? 1_555 B DG 6 O6 ? ? A DC 1 B DG 12 1_555 ? ? ? ? ? ? WATSON-CRICK ? ? ? 
hydrog3  hydrog ? ? A DC 1 O2 ? ? ? 1_555 B DG 6 N2 ? ? A DC 1 B DG 12 1_555 ? ? ? ? ? ? WATSON-CRICK ? ? ? 
hydrog4  hydrog ? ? A DA 2 N1 ? ? ? 1_555 B DT 5 N3 ? ? A DA 2 B DT 11 1_555 ? ? ? ? ? ? WATSON-CRICK ? ? ? 
hydrog5  hydrog ? ? A DA 2 N6 ? ? ? 1_555 B DT 5 O4 ? ? A DA 2 B DT 11 1_555 ? ? ? ? ? ? WATSON-CRICK ? ? ? 
hydrog6  hydrog ? ? A DC 3 N3 ? ? ? 1_555 B DG 4 N1 ? ? A DC 3 B DG 10 1_555 ? ? ? ? ? ? WATSON-CRICK ? ? ? 
hydrog7  hydrog ? ? A DC 3 N4 ? ? ? 1_555 B DG 4 O6 ? ? A DC 3 B DG 10 1_555 ? ? ? ? ? ? WATSON-CRICK ? ? ? 
hydrog8  hydrog ? ? A DC 3 O2 ? ? ? 1_555 B DG 4 N2 ? ? A DC 3 B DG 10 1_555 ? ? ? ? ? ? WATSON-CRICK ? ? ? 
hydrog9  hydrog ? ? A DG 4 N1 ? ? ? 1_555 B DC 3 N3 ? ? A DG 4 B DC 9  1_555 ? ? ? ? ? ? WATSON-CRICK ? ? ? 
hydrog10 hydrog ? ? A DG 4 N2 ? ? ? 1_555 B DC 3 O2 ? ? A DG 4 B DC 9  1_555 ? ? ? ? ? ? WATSON-CRICK ? ? ? 
hydrog11 hydrog ? ? A DG 4 O6 ? ? ? 1_555 B DC 3 N4 ? ? A DG 4 B DC 9  1_555 ? ? ? ? ? ? WATSON-CRICK ? ? ? 
hydrog12 hydrog ? ? A DT 5 N3 ? ? ? 1_555 B DA 2 N1 ? ? A DT 5 B DA 8  1_555 ? ? ? ? ? ? WATSON-CRICK ? ? ? 
hydrog13 hydrog ? ? A DT 5 O4 ? ? ? 1_555 B DA 2 N6 ? ? A DT 5 B DA 8  1_555 ? ? ? ? ? ? WATSON-CRICK ? ? ? 
hydrog14 hydrog ? ? A DG 6 N1 ? ? ? 1_555 B DC 1 N3 ? ? A DG 6 B DC 7  1_555 ? ? ? ? ? ? WATSON-CRICK ? ? ? 
hydrog15 hydrog ? ? A DG 6 N2 ? ? ? 1_555 B DC 1 O2 ? ? A DG 6 B DC 7  1_555 ? ? ? ? ? ? WATSON-CRICK ? ? ? 
hydrog16 hydrog ? ? A DG 6 O6 ? ? ? 1_555 B DC 1 N4 ? ? A DG 6 B DC 7  1_555 ? ? ? ? ? ? WATSON-CRICK ? ? ? 
# 
_struct_conn_type.id          hydrog 
_struct_conn_type.criteria    ? 
_struct_conn_type.reference   ? 
# 
loop_
_struct_site.id 
_struct_site.pdbx_evidence_code 
_struct_site.pdbx_auth_asym_id 
_struct_site.pdbx_auth_comp_id 
_struct_site.pdbx_auth_seq_id 
_struct_site.pdbx_auth_ins_code 
_struct_site.pdbx_num_residues 
_struct_site.details 
AC1 Software A SPM 13 ? 17 'BINDING SITE FOR RESIDUE SPM A 13' 
AC2 Software B 13D 85 ? 11 'BINDING SITE FOR RESIDUE 13D B 85' 
# 
loop_
_struct_site_gen.id 
_struct_site_gen.site_id 
_struct_site_gen.pdbx_num_res 
_struct_site_gen.label_comp_id 
_struct_site_gen.label_asym_id 
_struct_site_gen.label_seq_id 
_struct_site_gen.pdbx_auth_ins_code 
_struct_site_gen.auth_comp_id 
_struct_site_gen.auth_asym_id 
_struct_site_gen.auth_seq_id 
_struct_site_gen.label_atom_id 
_struct_site_gen.label_alt_id 
_struct_site_gen.symmetry 
_struct_site_gen.details 
1  AC1 17 DA  A 2 ? DA  A 2  . ? 1_555 ? 
2  AC1 17 DC  A 3 ? DC  A 3  . ? 1_555 ? 
3  AC1 17 DG  A 4 ? DG  A 4  . ? 1_555 ? 
4  AC1 17 HOH E . ? HOH A 17 . ? 4_566 ? 
5  AC1 17 HOH E . ? HOH A 19 . ? 1_555 ? 
6  AC1 17 HOH E . ? HOH A 36 . ? 1_555 ? 
7  AC1 17 HOH E . ? HOH A 73 . ? 4_556 ? 
8  AC1 17 HOH E . ? HOH A 80 . ? 4_566 ? 
9  AC1 17 DA  B 2 ? DA  B 8  . ? 1_555 ? 
10 AC1 17 DC  B 3 ? DC  B 9  . ? 4_556 ? 
11 AC1 17 DG  B 4 ? DG  B 10 . ? 1_655 ? 
12 AC1 17 DG  B 4 ? DG  B 10 . ? 4_556 ? 
13 AC1 17 DT  B 5 ? DT  B 11 . ? 1_655 ? 
14 AC1 17 DG  B 6 ? DG  B 12 . ? 1_655 ? 
15 AC1 17 HOH F . ? HOH B 68 . ? 4_556 ? 
16 AC1 17 HOH F . ? HOH B 69 . ? 4_556 ? 
17 AC1 17 HOH F . ? HOH B 76 . ? 4_556 ? 
18 AC2 11 DG  A 4 ? DG  A 4  . ? 4_466 ? 
19 AC2 11 DT  A 5 ? DT  A 5  . ? 4_466 ? 
20 AC2 11 DG  A 6 ? DG  A 6  . ? 1_555 ? 
21 AC2 11 HOH E . ? HOH A 46 . ? 4_466 ? 
22 AC2 11 HOH E . ? HOH A 80 . ? 4_466 ? 
23 AC2 11 DC  B 3 ? DC  B 9  . ? 1_555 ? 
24 AC2 11 DG  B 4 ? DG  B 10 . ? 1_555 ? 
25 AC2 11 HOH F . ? HOH B 47 . ? 1_555 ? 
26 AC2 11 HOH F . ? HOH B 82 . ? 1_555 ? 
27 AC2 11 HOH F . ? HOH B 83 . ? 1_555 ? 
28 AC2 11 HOH F . ? HOH B 84 . ? 1_555 ? 
# 
_atom_sites.entry_id                    2F8W 
_atom_sites.fract_transf_matrix[1][1]   -0.03159683 
_atom_sites.fract_transf_matrix[1][2]   0.02772864 
_atom_sites.fract_transf_matrix[1][3]   -0.03435356 
_atom_sites.fract_transf_matrix[2][1]   0.02644171 
_atom_sites.fract_transf_matrix[2][2]   0.01112021 
_atom_sites.fract_transf_matrix[2][3]   -0.01534414 
_atom_sites.fract_transf_matrix[3][1]   -0.00056981 
_atom_sites.fract_transf_matrix[3][2]   -0.01826896 
_atom_sites.fract_transf_matrix[3][3]   -0.01422180 
_atom_sites.fract_transf_vector[1]      0.476449 
_atom_sites.fract_transf_vector[2]      0.607549 
_atom_sites.fract_transf_vector[3]      0.522629 
# 
loop_
_atom_type.symbol 
C 
N 
O 
P 
# 
loop_
_atom_site.group_PDB 
_atom_site.id 
_atom_site.type_symbol 
_atom_site.label_atom_id 
_atom_site.label_alt_id 
_atom_site.label_comp_id 
_atom_site.label_asym_id 
_atom_site.label_entity_id 
_atom_site.label_seq_id 
_atom_site.pdbx_PDB_ins_code 
_atom_site.Cartn_x 
_atom_site.Cartn_y 
_atom_site.Cartn_z 
_atom_site.occupancy 
_atom_site.B_iso_or_equiv 
_atom_site.pdbx_formal_charge 
_atom_site.auth_seq_id 
_atom_site.auth_comp_id 
_atom_site.auth_asym_id 
_atom_site.auth_atom_id 
_atom_site.pdbx_PDB_model_num 
ATOM   1   O "O5'" . DC  A 1 1 ? -12.450 -6.980  -9.959  1.00 22.52 ? 1  DC  A "O5'" 1 
ATOM   2   C "C5'" . DC  A 1 1 ? -11.869 -5.738  -10.367 1.00 18.84 ? 1  DC  A "C5'" 1 
ATOM   3   C "C4'" . DC  A 1 1 ? -10.401 -5.649  -9.970  1.00 5.80  ? 1  DC  A "C4'" 1 
ATOM   4   O "O4'" . DC  A 1 1 ? -10.215 -5.913  -8.578  1.00 8.83  ? 1  DC  A "O4'" 1 
ATOM   5   C "C3'" . DC  A 1 1 ? -9.517  -6.600  -10.738 1.00 8.22  ? 1  DC  A "C3'" 1 
ATOM   6   O "O3'" . DC  A 1 1 ? -8.357  -5.918  -11.203 1.00 10.61 ? 1  DC  A "O3'" 1 
ATOM   7   C "C2'" . DC  A 1 1 ? -9.112  -7.599  -9.680  1.00 9.10  ? 1  DC  A "C2'" 1 
ATOM   8   C "C1'" . DC  A 1 1 ? -9.071  -6.773  -8.418  1.00 6.03  ? 1  DC  A "C1'" 1 
ATOM   9   N N1    . DC  A 1 1 ? -9.167  -7.637  -7.204  1.00 5.74  ? 1  DC  A N1    1 
ATOM   10  C C2    . DC  A 1 1 ? -7.991  -8.180  -6.712  1.00 4.27  ? 1  DC  A C2    1 
ATOM   11  O O2    . DC  A 1 1 ? -6.909  -7.931  -7.246  1.00 7.53  ? 1  DC  A O2    1 
ATOM   12  N N3    . DC  A 1 1 ? -8.047  -9.003  -5.637  1.00 3.98  ? 1  DC  A N3    1 
ATOM   13  C C4    . DC  A 1 1 ? -9.210  -9.337  -5.092  1.00 5.68  ? 1  DC  A C4    1 
ATOM   14  N N4    . DC  A 1 1 ? -9.183  -10.152 -4.042  1.00 6.84  ? 1  DC  A N4    1 
ATOM   15  C C5    . DC  A 1 1 ? -10.446 -8.812  -5.598  1.00 4.88  ? 1  DC  A C5    1 
ATOM   16  C C6    . DC  A 1 1 ? -10.365 -7.952  -6.633  1.00 4.73  ? 1  DC  A C6    1 
ATOM   17  P P     . DA  A 1 2 ? -8.311  -5.118  -12.598 1.00 11.64 ? 2  DA  A P     1 
ATOM   18  O OP1   . DA  A 1 2 ? -9.000  -5.907  -13.644 1.00 14.80 ? 2  DA  A OP1   1 
ATOM   19  O OP2   . DA  A 1 2 ? -6.884  -4.770  -12.775 1.00 13.66 ? 2  DA  A OP2   1 
ATOM   20  O "O5'" . DA  A 1 2 ? -9.140  -3.769  -12.406 1.00 10.20 ? 2  DA  A "O5'" 1 
ATOM   21  C "C5'" . DA  A 1 2 ? -8.649  -2.697  -11.569 1.00 11.87 ? 2  DA  A "C5'" 1 
ATOM   22  C "C4'" . DA  A 1 2 ? -9.675  -1.572  -11.543 1.00 6.60  ? 2  DA  A "C4'" 1 
ATOM   23  O "O4'" . DA  A 1 2 ? -10.907 -2.165  -11.132 1.00 9.63  ? 2  DA  A "O4'" 1 
ATOM   24  C "C3'" . DA  A 1 2 ? -9.337  -0.400  -10.586 1.00 5.13  ? 2  DA  A "C3'" 1 
ATOM   25  O "O3'" . DA  A 1 2 ? -8.888  0.719   -11.356 1.00 6.73  ? 2  DA  A "O3'" 1 
ATOM   26  C "C2'" . DA  A 1 2 ? -10.703 -0.049  -10.026 1.00 7.90  ? 2  DA  A "C2'" 1 
ATOM   27  C "C1'" . DA  A 1 2 ? -11.563 -1.309  -10.189 1.00 6.60  ? 2  DA  A "C1'" 1 
ATOM   28  N N9    . DA  A 1 2 ? -11.885 -2.042  -8.944  1.00 8.64  ? 2  DA  A N9    1 
ATOM   29  C C8    . DA  A 1 2 ? -13.132 -2.460  -8.587  1.00 7.51  ? 2  DA  A C8    1 
ATOM   30  N N7    . DA  A 1 2 ? -13.173 -3.193  -7.517  1.00 9.74  ? 2  DA  A N7    1 
ATOM   31  C C5    . DA  A 1 2 ? -11.849 -3.335  -7.160  1.00 6.88  ? 2  DA  A C5    1 
ATOM   32  C C6    . DA  A 1 2 ? -11.223 -4.091  -6.167  1.00 7.01  ? 2  DA  A C6    1 
ATOM   33  N N6    . DA  A 1 2 ? -11.881 -4.886  -5.329  1.00 12.35 ? 2  DA  A N6    1 
ATOM   34  N N1    . DA  A 1 2 ? -9.898  -4.020  -6.068  1.00 5.92  ? 2  DA  A N1    1 
ATOM   35  C C2    . DA  A 1 2 ? -9.230  -3.324  -6.993  1.00 3.23  ? 2  DA  A C2    1 
ATOM   36  N N3    . DA  A 1 2 ? -9.691  -2.552  -7.967  1.00 5.04  ? 2  DA  A N3    1 
ATOM   37  C C4    . DA  A 1 2 ? -11.041 -2.647  -8.034  1.00 7.89  ? 2  DA  A C4    1 
ATOM   38  P P     . DC  A 1 3 ? -7.353  1.062   -11.570 1.00 5.01  ? 3  DC  A P     1 
ATOM   39  O OP1   . DC  A 1 3 ? -7.380  2.195   -12.533 1.00 6.06  ? 3  DC  A OP1   1 
ATOM   40  O OP2   . DC  A 1 3 ? -6.590  -0.170  -11.852 1.00 12.68 ? 3  DC  A OP2   1 
ATOM   41  O "O5'" . DC  A 1 3 ? -7.048  1.600   -10.103 1.00 6.57  ? 3  DC  A "O5'" 1 
ATOM   42  C "C5'" . DC  A 1 3 ? -5.932  2.475   -9.915  1.00 6.38  ? 3  DC  A "C5'" 1 
ATOM   43  C "C4'" . DC  A 1 3 ? -5.204  2.169   -8.623  1.00 5.00  ? 3  DC  A "C4'" 1 
ATOM   44  O "O4'" . DC  A 1 3 ? -6.118  2.207   -7.511  1.00 5.81  ? 3  DC  A "O4'" 1 
ATOM   45  C "C3'" . DC  A 1 3 ? -4.544  0.802   -8.654  1.00 3.83  ? 3  DC  A "C3'" 1 
ATOM   46  O "O3'" . DC  A 1 3 ? -3.354  0.786   -7.888  1.00 5.83  ? 3  DC  A "O3'" 1 
ATOM   47  C "C2'" . DC  A 1 3 ? -5.533  -0.009  -7.869  1.00 4.58  ? 3  DC  A "C2'" 1 
ATOM   48  C "C1'" . DC  A 1 3 ? -6.047  0.965   -6.806  1.00 3.15  ? 3  DC  A "C1'" 1 
ATOM   49  N N1    . DC  A 1 3 ? -7.398  0.585   -6.305  1.00 5.25  ? 3  DC  A N1    1 
ATOM   50  C C2    . DC  A 1 3 ? -7.500  -0.286  -5.223  1.00 4.17  ? 3  DC  A C2    1 
ATOM   51  O O2    . DC  A 1 3 ? -6.490  -0.740  -4.684  1.00 8.26  ? 3  DC  A O2    1 
ATOM   52  N N3    . DC  A 1 3 ? -8.722  -0.655  -4.775  1.00 5.70  ? 3  DC  A N3    1 
ATOM   53  C C4    . DC  A 1 3 ? -9.828  -0.212  -5.380  1.00 5.27  ? 3  DC  A C4    1 
ATOM   54  N N4    . DC  A 1 3 ? -11.017 -0.688  -4.973  1.00 5.52  ? 3  DC  A N4    1 
ATOM   55  C C5    . DC  A 1 3 ? -9.751  0.740   -6.453  1.00 3.57  ? 3  DC  A C5    1 
ATOM   56  C C6    . DC  A 1 3 ? -8.529  1.086   -6.891  1.00 7.99  ? 3  DC  A C6    1 
ATOM   57  P P     . DG  A 1 4 ? -1.927  1.108   -8.480  1.00 7.53  ? 4  DG  A P     1 
ATOM   58  O OP1   . DG  A 1 4 ? -1.842  0.494   -9.817  1.00 12.43 ? 4  DG  A OP1   1 
ATOM   59  O OP2   . DG  A 1 4 ? -0.942  0.742   -7.438  1.00 11.18 ? 4  DG  A OP2   1 
ATOM   60  O "O5'" . DG  A 1 4 ? -1.845  2.689   -8.695  1.00 7.19  ? 4  DG  A "O5'" 1 
ATOM   61  C "C5'" . DG  A 1 4 ? -1.770  3.577   -7.569  1.00 7.66  ? 4  DG  A "C5'" 1 
ATOM   62  C "C4'" . DG  A 1 4 ? -2.036  5.002   -8.031  1.00 6.41  ? 4  DG  A "C4'" 1 
ATOM   63  O "O4'" . DG  A 1 4 ? -3.312  5.049   -8.672  1.00 5.50  ? 4  DG  A "O4'" 1 
ATOM   64  C "C3'" . DG  A 1 4 ? -2.062  5.984   -6.866  1.00 8.77  ? 4  DG  A "C3'" 1 
ATOM   65  O "O3'" . DG  A 1 4 ? -0.757  6.553   -6.766  1.00 6.05  ? 4  DG  A "O3'" 1 
ATOM   66  C "C2'" . DG  A 1 4 ? -3.021  7.039   -7.380  1.00 7.43  ? 4  DG  A "C2'" 1 
ATOM   67  C "C1'" . DG  A 1 4 ? -3.907  6.329   -8.392  1.00 6.20  ? 4  DG  A "C1'" 1 
ATOM   68  N N9    . DG  A 1 4 ? -5.323  6.183   -7.980  1.00 3.37  ? 4  DG  A N9    1 
ATOM   69  C C8    . DG  A 1 4 ? -6.403  6.706   -8.627  1.00 2.78  ? 4  DG  A C8    1 
ATOM   70  N N7    . DG  A 1 4 ? -7.546  6.374   -8.113  1.00 6.44  ? 4  DG  A N7    1 
ATOM   71  C C5    . DG  A 1 4 ? -7.208  5.583   -7.025  1.00 4.03  ? 4  DG  A C5    1 
ATOM   72  C C6    . DG  A 1 4 ? -8.026  4.944   -6.078  1.00 2.93  ? 4  DG  A C6    1 
ATOM   73  O O6    . DG  A 1 4 ? -9.272  4.982   -6.038  1.00 4.91  ? 4  DG  A O6    1 
ATOM   74  N N1    . DG  A 1 4 ? -7.300  4.235   -5.138  1.00 3.49  ? 4  DG  A N1    1 
ATOM   75  C C2    . DG  A 1 4 ? -5.923  4.147   -5.101  1.00 3.09  ? 4  DG  A C2    1 
ATOM   76  N N2    . DG  A 1 4 ? -5.381  3.384   -4.159  1.00 4.66  ? 4  DG  A N2    1 
ATOM   77  N N3    . DG  A 1 4 ? -5.133  4.782   -5.973  1.00 4.72  ? 4  DG  A N3    1 
ATOM   78  C C4    . DG  A 1 4 ? -5.831  5.456   -6.923  1.00 2.75  ? 4  DG  A C4    1 
ATOM   79  P P     . DT  A 1 5 ? 0.138   6.534   -5.472  1.00 6.78  ? 5  DT  A P     1 
ATOM   80  O OP1   . DT  A 1 5 ? 1.232   7.496   -5.696  1.00 8.42  ? 5  DT  A OP1   1 
ATOM   81  O OP2   . DT  A 1 5 ? 0.535   5.124   -5.143  1.00 15.93 ? 5  DT  A OP2   1 
ATOM   82  O "O5'" . DT  A 1 5 ? -0.868  7.037   -4.333  1.00 6.31  ? 5  DT  A "O5'" 1 
ATOM   83  C "C5'" . DT  A 1 5 ? -0.314  7.356   -3.060  1.00 4.86  ? 5  DT  A "C5'" 1 
ATOM   84  C "C4'" . DT  A 1 5 ? -1.187  6.766   -1.971  1.00 3.85  ? 5  DT  A "C4'" 1 
ATOM   85  O "O4'" . DT  A 1 5 ? -2.461  7.401   -2.023  1.00 2.99  ? 5  DT  A "O4'" 1 
ATOM   86  C "C3'" . DT  A 1 5 ? -1.403  5.245   -2.083  1.00 5.63  ? 5  DT  A "C3'" 1 
ATOM   87  O "O3'" . DT  A 1 5 ? -1.318  4.671   -0.787  1.00 7.91  ? 5  DT  A "O3'" 1 
ATOM   88  C "C2'" . DT  A 1 5 ? -2.839  5.178   -2.550  1.00 2.69  ? 5  DT  A "C2'" 1 
ATOM   89  C "C1'" . DT  A 1 5 ? -3.484  6.398   -1.911  1.00 7.83  ? 5  DT  A "C1'" 1 
ATOM   90  N N1    . DT  A 1 5 ? -4.686  6.858   -2.618  1.00 2.69  ? 5  DT  A N1    1 
ATOM   91  C C2    . DT  A 1 5 ? -5.915  6.357   -2.204  1.00 6.80  ? 5  DT  A C2    1 
ATOM   92  O O2    . DT  A 1 5 ? -6.073  5.490   -1.331  1.00 6.85  ? 5  DT  A O2    1 
ATOM   93  N N3    . DT  A 1 5 ? -6.996  6.865   -2.873  1.00 3.72  ? 5  DT  A N3    1 
ATOM   94  C C4    . DT  A 1 5 ? -6.955  7.738   -3.946  1.00 3.94  ? 5  DT  A C4    1 
ATOM   95  O O4    . DT  A 1 5 ? -7.981  8.031   -4.525  1.00 6.64  ? 5  DT  A O4    1 
ATOM   96  C C5    . DT  A 1 5 ? -5.635  8.220   -4.292  1.00 7.03  ? 5  DT  A C5    1 
ATOM   97  C C7    . DT  A 1 5 ? -5.453  9.289   -5.360  1.00 4.77  ? 5  DT  A C7    1 
ATOM   98  C C6    . DT  A 1 5 ? -4.567  7.766   -3.646  1.00 2.00  ? 5  DT  A C6    1 
ATOM   99  P P     . DG  A 1 6 ? 0.064   4.050   -0.300  1.00 7.89  ? 6  DG  A P     1 
ATOM   100 O OP1   . DG  A 1 6 ? 0.539   3.084   -1.309  1.00 9.91  ? 6  DG  A OP1   1 
ATOM   101 O OP2   . DG  A 1 6 ? -0.125  3.600   1.108   1.00 10.65 ? 6  DG  A OP2   1 
ATOM   102 O "O5'" . DG  A 1 6 ? 1.098   5.247   -0.299  1.00 7.82  ? 6  DG  A "O5'" 1 
ATOM   103 C "C5'" . DG  A 1 6 ? 1.165   6.136   0.827   1.00 6.42  ? 6  DG  A "C5'" 1 
ATOM   104 C "C4'" . DG  A 1 6 ? 2.194   7.218   0.587   1.00 6.33  ? 6  DG  A "C4'" 1 
ATOM   105 O "O4'" . DG  A 1 6 ? 1.769   8.098   -0.484  1.00 5.66  ? 6  DG  A "O4'" 1 
ATOM   106 C "C3'" . DG  A 1 6 ? 2.393   8.031   1.869   1.00 5.86  ? 6  DG  A "C3'" 1 
ATOM   107 O "O3'" . DG  A 1 6 ? 3.759   8.453   1.975   1.00 10.65 ? 6  DG  A "O3'" 1 
ATOM   108 C "C2'" . DG  A 1 6 ? 1.511   9.228   1.574   1.00 11.64 ? 6  DG  A "C2'" 1 
ATOM   109 C "C1'" . DG  A 1 6 ? 1.652   9.421   0.073   1.00 9.17  ? 6  DG  A "C1'" 1 
ATOM   110 N N9    . DG  A 1 6 ? 0.542   10.153  -0.567  1.00 5.16  ? 6  DG  A N9    1 
ATOM   111 C C8    . DG  A 1 6 ? 0.665   11.061  -1.588  1.00 7.37  ? 6  DG  A C8    1 
ATOM   112 N N7    . DG  A 1 6 ? -0.463  11.506  -2.050  1.00 7.64  ? 6  DG  A N7    1 
ATOM   113 C C5    . DG  A 1 6 ? -1.420  10.731  -1.374  1.00 5.77  ? 6  DG  A C5    1 
ATOM   114 C C6    . DG  A 1 6 ? -2.836  10.717  -1.531  1.00 5.64  ? 6  DG  A C6    1 
ATOM   115 O O6    . DG  A 1 6 ? -3.528  11.328  -2.348  1.00 8.08  ? 6  DG  A O6    1 
ATOM   116 N N1    . DG  A 1 6 ? -3.441  9.913   -0.564  1.00 4.54  ? 6  DG  A N1    1 
ATOM   117 C C2    . DG  A 1 6 ? -2.772  9.139   0.360   1.00 4.84  ? 6  DG  A C2    1 
ATOM   118 N N2    . DG  A 1 6 ? -3.489  8.288   1.090   1.00 7.81  ? 6  DG  A N2    1 
ATOM   119 N N3    . DG  A 1 6 ? -1.434  9.152   0.511   1.00 6.04  ? 6  DG  A N3    1 
ATOM   120 C C4    . DG  A 1 6 ? -0.826  9.948   -0.426  1.00 5.08  ? 6  DG  A C4    1 
ATOM   121 O "O5'" . DC  B 1 1 ? -12.517 9.430   1.257   1.00 21.46 ? 7  DC  B "O5'" 1 
ATOM   122 C "C5'" . DC  B 1 1 ? -12.568 8.055   1.627   1.00 15.75 ? 7  DC  B "C5'" 1 
ATOM   123 C "C4'" . DC  B 1 1 ? -11.169 7.442   1.745   1.00 7.57  ? 7  DC  B "C4'" 1 
ATOM   124 O "O4'" . DC  B 1 1 ? -10.387 7.702   0.569   1.00 7.25  ? 7  DC  B "O4'" 1 
ATOM   125 C "C3'" . DC  B 1 1 ? -10.367 7.881   2.958   1.00 10.51 ? 7  DC  B "C3'" 1 
ATOM   126 O "O3'" . DC  B 1 1 ? -9.757  6.712   3.482   1.00 9.10  ? 7  DC  B "O3'" 1 
ATOM   127 C "C2'" . DC  B 1 1 ? -9.238  8.659   2.317   1.00 8.02  ? 7  DC  B "C2'" 1 
ATOM   128 C "C1'" . DC  B 1 1 ? -9.033  7.958   0.971   1.00 5.92  ? 7  DC  B "C1'" 1 
ATOM   129 N N1    . DC  B 1 1 ? -8.352  8.798   -0.024  1.00 6.64  ? 7  DC  B N1    1 
ATOM   130 C C2    . DC  B 1 1 ? -6.973  8.923   0.066   1.00 3.67  ? 7  DC  B C2    1 
ATOM   131 O O2    . DC  B 1 1 ? -6.335  8.324   0.923   1.00 8.87  ? 7  DC  B O2    1 
ATOM   132 N N3    . DC  B 1 1 ? -6.329  9.770   -0.790  1.00 6.56  ? 7  DC  B N3    1 
ATOM   133 C C4    . DC  B 1 1 ? -7.004  10.513  -1.672  1.00 9.61  ? 7  DC  B C4    1 
ATOM   134 N N4    . DC  B 1 1 ? -6.348  11.303  -2.519  1.00 6.30  ? 7  DC  B N4    1 
ATOM   135 C C5    . DC  B 1 1 ? -8.438  10.466  -1.700  1.00 6.64  ? 7  DC  B C5    1 
ATOM   136 C C6    . DC  B 1 1 ? -9.044  9.563   -0.914  1.00 5.42  ? 7  DC  B C6    1 
ATOM   137 P P     . DA  B 1 2 ? -10.402 5.846   4.665   1.00 10.10 ? 8  DA  B P     1 
ATOM   138 O OP1   . DA  B 1 2 ? -11.031 6.689   5.691   1.00 10.42 ? 8  DA  B OP1   1 
ATOM   139 O OP2   . DA  B 1 2 ? -9.329  4.901   5.083   1.00 12.82 ? 8  DA  B OP2   1 
ATOM   140 O "O5'" . DA  B 1 2 ? -11.553 5.005   3.948   1.00 7.17  ? 8  DA  B "O5'" 1 
ATOM   141 C "C5'" . DA  B 1 2 ? -11.343 3.910   3.056   1.00 7.24  ? 8  DA  B "C5'" 1 
ATOM   142 C "C4'" . DA  B 1 2 ? -12.681 3.549   2.449   1.00 3.25  ? 8  DA  B "C4'" 1 
ATOM   143 O "O4'" . DA  B 1 2 ? -13.194 4.617   1.654   1.00 4.29  ? 8  DA  B "O4'" 1 
ATOM   144 C "C3'" . DA  B 1 2 ? -12.483 2.368   1.534   1.00 4.05  ? 8  DA  B "C3'" 1 
ATOM   145 O "O3'" . DA  B 1 2 ? -12.818 1.242   2.336   1.00 5.91  ? 8  DA  B "O3'" 1 
ATOM   146 C "C2'" . DA  B 1 2 ? -13.511 2.614   0.464   1.00 7.21  ? 8  DA  B "C2'" 1 
ATOM   147 C "C1'" . DA  B 1 2 ? -13.749 4.107   0.455   1.00 2.00  ? 8  DA  B "C1'" 1 
ATOM   148 N N9    . DA  B 1 2 ? -13.193 4.871   -0.662  1.00 5.02  ? 8  DA  B N9    1 
ATOM   149 C C8    . DA  B 1 2 ? -13.887 5.760   -1.422  1.00 5.54  ? 8  DA  B C8    1 
ATOM   150 N N7    . DA  B 1 2 ? -13.167 6.387   -2.305  1.00 4.81  ? 8  DA  B N7    1 
ATOM   151 C C5    . DA  B 1 2 ? -11.854 6.014   -1.983  1.00 3.48  ? 8  DA  B C5    1 
ATOM   152 C C6    . DA  B 1 2 ? -10.602 6.374   -2.503  1.00 4.81  ? 8  DA  B C6    1 
ATOM   153 N N6    . DA  B 1 2 ? -10.465 7.254   -3.486  1.00 6.29  ? 8  DA  B N6    1 
ATOM   154 N N1    . DA  B 1 2 ? -9.508  5.789   -1.979  1.00 5.08  ? 8  DA  B N1    1 
ATOM   155 C C2    . DA  B 1 2 ? -9.675  4.914   -0.978  1.00 3.42  ? 8  DA  B C2    1 
ATOM   156 N N3    . DA  B 1 2 ? -10.794 4.450   -0.431  1.00 4.89  ? 8  DA  B N3    1 
ATOM   157 C C4    . DA  B 1 2 ? -11.867 5.093   -0.966  1.00 5.24  ? 8  DA  B C4    1 
ATOM   158 P P     . DC  B 1 3 ? -12.309 -0.198  1.953   1.00 16.08 ? 9  DC  B P     1 
ATOM   159 O OP1   . DC  B 1 3 ? -12.721 -0.412  0.547   1.00 15.92 ? 9  DC  B OP1   1 
ATOM   160 O OP2   . DC  B 1 3 ? -12.813 -1.156  2.987   1.00 11.59 ? 9  DC  B OP2   1 
ATOM   161 O "O5'" . DC  B 1 3 ? -10.749 -0.192  1.979   1.00 7.34  ? 9  DC  B "O5'" 1 
ATOM   162 C "C5'" . DC  B 1 3 ? -9.981  -1.388  1.927   1.00 4.05  ? 9  DC  B "C5'" 1 
ATOM   163 C "C4'" . DC  B 1 3 ? -8.663  -1.065  1.258   1.00 5.07  ? 9  DC  B "C4'" 1 
ATOM   164 O "O4'" . DC  B 1 3 ? -8.898  -0.775  -0.138  1.00 4.06  ? 9  DC  B "O4'" 1 
ATOM   165 C "C3'" . DC  B 1 3 ? -7.975  0.200   1.841   1.00 3.64  ? 9  DC  B "C3'" 1 
ATOM   166 O "O3'" . DC  B 1 3 ? -6.568  -0.021  1.899   1.00 5.04  ? 9  DC  B "O3'" 1 
ATOM   167 C "C2'" . DC  B 1 3 ? -8.265  1.247   0.783   1.00 6.14  ? 9  DC  B "C2'" 1 
ATOM   168 C "C1'" . DC  B 1 3 ? -8.221  0.435   -0.509  1.00 4.09  ? 9  DC  B "C1'" 1 
ATOM   169 N N1    . DC  B 1 3 ? -8.966  1.106   -1.607  1.00 2.96  ? 9  DC  B N1    1 
ATOM   170 C C2    . DC  B 1 3 ? -8.244  1.888   -2.493  1.00 2.58  ? 9  DC  B C2    1 
ATOM   171 O O2    . DC  B 1 3 ? -7.025  1.938   -2.487  1.00 5.00  ? 9  DC  B O2    1 
ATOM   172 N N3    . DC  B 1 3 ? -8.916  2.623   -3.410  1.00 3.80  ? 9  DC  B N3    1 
ATOM   173 C C4    . DC  B 1 3 ? -10.235 2.587   -3.486  1.00 3.10  ? 9  DC  B C4    1 
ATOM   174 N N4    . DC  B 1 3 ? -10.821 3.409   -4.357  1.00 4.56  ? 9  DC  B N4    1 
ATOM   175 C C5    . DC  B 1 3 ? -11.002 1.762   -2.614  1.00 3.61  ? 9  DC  B C5    1 
ATOM   176 C C6    . DC  B 1 3 ? -10.320 1.031   -1.707  1.00 3.98  ? 9  DC  B C6    1 
ATOM   177 P P     . DG  B 1 4 ? -5.892  -0.615  3.228   1.00 4.86  ? 10 DG  B P     1 
ATOM   178 O OP1   . DG  B 1 4 ? -6.534  -0.052  4.457   1.00 5.07  ? 10 DG  B OP1   1 
ATOM   179 O OP2   . DG  B 1 4 ? -4.433  -0.506  3.065   1.00 6.23  ? 10 DG  B OP2   1 
ATOM   180 O "O5'" . DG  B 1 4 ? -6.237  -2.171  3.279   1.00 4.96  ? 10 DG  B "O5'" 1 
ATOM   181 C "C5'" . DG  B 1 4 ? -5.737  -3.050  2.263   1.00 6.18  ? 10 DG  B "C5'" 1 
ATOM   182 C "C4'" . DG  B 1 4 ? -6.312  -4.450  2.444   1.00 4.33  ? 10 DG  B "C4'" 1 
ATOM   183 O "O4'" . DG  B 1 4 ? -7.723  -4.356  2.318   1.00 4.06  ? 10 DG  B "O4'" 1 
ATOM   184 C "C3'" . DG  B 1 4 ? -5.799  -5.377  1.346   1.00 5.64  ? 10 DG  B "C3'" 1 
ATOM   185 O "O3'" . DG  B 1 4 ? -4.722  -6.142  1.893   1.00 4.98  ? 10 DG  B "O3'" 1 
ATOM   186 C "C2'" . DG  B 1 4 ? -6.986  -6.251  1.056   1.00 4.27  ? 10 DG  B "C2'" 1 
ATOM   187 C "C1'" . DG  B 1 4 ? -8.201  -5.492  1.557   1.00 5.15  ? 10 DG  B "C1'" 1 
ATOM   188 N N9    . DG  B 1 4 ? -9.100  -5.010  0.503   1.00 5.11  ? 10 DG  B N9    1 
ATOM   189 C C8    . DG  B 1 4 ? -10.467 -5.090  0.523   1.00 5.12  ? 10 DG  B C8    1 
ATOM   190 N N7    . DG  B 1 4 ? -11.068 -4.445  -0.442  1.00 4.58  ? 10 DG  B N7    1 
ATOM   191 C C5    . DG  B 1 4 ? -10.009 -3.835  -1.116  1.00 2.70  ? 10 DG  B C5    1 
ATOM   192 C C6    . DG  B 1 4 ? -10.025 -2.966  -2.222  1.00 3.07  ? 10 DG  B C6    1 
ATOM   193 O O6    . DG  B 1 4 ? -11.031 -2.590  -2.842  1.00 6.30  ? 10 DG  B O6    1 
ATOM   194 N N1    . DG  B 1 4 ? -8.753  -2.580  -2.598  1.00 3.58  ? 10 DG  B N1    1 
ATOM   195 C C2    . DG  B 1 4 ? -7.586  -2.906  -1.938  1.00 3.68  ? 10 DG  B C2    1 
ATOM   196 N N2    . DG  B 1 4 ? -6.441  -2.419  -2.422  1.00 4.08  ? 10 DG  B N2    1 
ATOM   197 N N3    . DG  B 1 4 ? -7.555  -3.744  -0.895  1.00 7.02  ? 10 DG  B N3    1 
ATOM   198 C C4    . DG  B 1 4 ? -8.793  -4.140  -0.520  1.00 5.49  ? 10 DG  B C4    1 
ATOM   199 P P     . DT  B 1 5 ? -3.398  -6.335  1.073   1.00 6.66  ? 11 DT  B P     1 
ATOM   200 O OP1   . DT  B 1 5 ? -2.482  -7.259  1.781   1.00 12.09 ? 11 DT  B OP1   1 
ATOM   201 O OP2   . DT  B 1 5 ? -2.869  -4.993  0.831   1.00 10.75 ? 11 DT  B OP2   1 
ATOM   202 O "O5'" . DT  B 1 5 ? -3.865  -6.893  -0.326  1.00 7.63  ? 11 DT  B "O5'" 1 
ATOM   203 C "C5'" . DT  B 1 5 ? -2.990  -7.720  -1.074  1.00 7.70  ? 11 DT  B "C5'" 1 
ATOM   204 C "C4'" . DT  B 1 5 ? -3.164  -7.384  -2.535  1.00 3.91  ? 11 DT  B "C4'" 1 
ATOM   205 O "O4'" . DT  B 1 5 ? -4.507  -7.682  -2.950  1.00 6.24  ? 11 DT  B "O4'" 1 
ATOM   206 C "C3'" . DT  B 1 5 ? -2.939  -5.896  -2.810  1.00 6.98  ? 11 DT  B "C3'" 1 
ATOM   207 O "O3'" . DT  B 1 5 ? -2.225  -5.728  -4.014  1.00 6.72  ? 11 DT  B "O3'" 1 
ATOM   208 C "C2'" . DT  B 1 5 ? -4.319  -5.362  -3.011  1.00 6.37  ? 11 DT  B "C2'" 1 
ATOM   209 C "C1'" . DT  B 1 5 ? -5.025  -6.539  -3.651  1.00 7.09  ? 11 DT  B "C1'" 1 
ATOM   210 N N1    . DT  B 1 5 ? -6.497  -6.477  -3.553  1.00 3.07  ? 11 DT  B N1    1 
ATOM   211 C C2    . DT  B 1 5 ? -7.183  -5.634  -4.408  1.00 3.39  ? 11 DT  B C2    1 
ATOM   212 O O2    . DT  B 1 5 ? -6.681  -4.946  -5.294  1.00 8.72  ? 11 DT  B O2    1 
ATOM   213 N N3    . DT  B 1 5 ? -8.546  -5.604  -4.227  1.00 5.03  ? 11 DT  B N3    1 
ATOM   214 C C4    . DT  B 1 5 ? -9.265  -6.328  -3.293  1.00 6.55  ? 11 DT  B C4    1 
ATOM   215 O O4    . DT  B 1 5 ? -10.487 -6.196  -3.235  1.00 7.47  ? 11 DT  B O4    1 
ATOM   216 C C5    . DT  B 1 5 ? -8.471  -7.206  -2.474  1.00 3.64  ? 11 DT  B C5    1 
ATOM   217 C C7    . DT  B 1 5 ? -9.122  -8.066  -1.395  1.00 8.03  ? 11 DT  B C7    1 
ATOM   218 C C6    . DT  B 1 5 ? -7.146  -7.247  -2.626  1.00 2.98  ? 11 DT  B C6    1 
ATOM   219 P P     . DG  B 1 6 ? -0.659  -5.536  -4.025  1.00 9.84  ? 12 DG  B P     1 
ATOM   220 O OP1   . DG  B 1 6 ? -0.269  -4.542  -2.975  1.00 10.22 ? 12 DG  B OP1   1 
ATOM   221 O OP2   . DG  B 1 6 ? -0.257  -5.337  -5.435  1.00 13.68 ? 12 DG  B OP2   1 
ATOM   222 O "O5'" . DG  B 1 6 ? -0.024  -6.898  -3.477  1.00 10.75 ? 12 DG  B "O5'" 1 
ATOM   223 C "C5'" . DG  B 1 6 ? 0.158   -7.982  -4.376  1.00 11.63 ? 12 DG  B "C5'" 1 
ATOM   224 C "C4'" . DG  B 1 6 ? 0.618   -9.196  -3.599  1.00 6.06  ? 12 DG  B "C4'" 1 
ATOM   225 O "O4'" . DG  B 1 6 ? -0.407  -9.687  -2.705  1.00 7.10  ? 12 DG  B "O4'" 1 
ATOM   226 C "C3'" . DG  B 1 6 ? 1.005   -10.325 -4.545  1.00 16.73 ? 12 DG  B "C3'" 1 
ATOM   227 O "O3'" . DG  B 1 6 ? 2.090   -11.032 -3.944  1.00 22.28 ? 12 DG  B "O3'" 1 
ATOM   228 C "C2'" . DG  B 1 6 ? -0.246  -11.174 -4.543  1.00 9.64  ? 12 DG  B "C2'" 1 
ATOM   229 C "C1'" . DG  B 1 6 ? -0.749  -11.037 -3.109  1.00 9.17  ? 12 DG  B "C1'" 1 
ATOM   230 N N9    . DG  B 1 6 ? -2.183  -11.329 -2.938  1.00 5.91  ? 12 DG  B N9    1 
ATOM   231 C C8    . DG  B 1 6 ? -2.762  -11.983 -1.891  1.00 6.68  ? 12 DG  B C8    1 
ATOM   232 N N7    . DG  B 1 6 ? -4.061  -12.024 -1.942  1.00 9.28  ? 12 DG  B N7    1 
ATOM   233 C C5    . DG  B 1 6 ? -4.378  -11.254 -3.054  1.00 8.45  ? 12 DG  B C5    1 
ATOM   234 C C6    . DG  B 1 6 ? -5.618  -10.829 -3.555  1.00 11.11 ? 12 DG  B C6    1 
ATOM   235 O O6    . DG  B 1 6 ? -6.733  -11.030 -3.050  1.00 10.73 ? 12 DG  B O6    1 
ATOM   236 N N1    . DG  B 1 6 ? -5.520  -10.092 -4.720  1.00 8.36  ? 12 DG  B N1    1 
ATOM   237 C C2    . DG  B 1 6 ? -4.330  -9.709  -5.294  1.00 7.71  ? 12 DG  B C2    1 
ATOM   238 N N2    . DG  B 1 6 ? -4.397  -8.919  -6.364  1.00 8.04  ? 12 DG  B N2    1 
ATOM   239 N N3    . DG  B 1 6 ? -3.142  -10.092 -4.814  1.00 5.88  ? 12 DG  B N3    1 
ATOM   240 C C4    . DG  B 1 6 ? -3.227  -10.852 -3.700  1.00 4.07  ? 12 DG  B C4    1 
HETATM 241 N N1    . SPM C 2 . ? -9.122  4.030   -12.729 1.00 10.61 ? 13 SPM A N1    1 
HETATM 242 C C2    . SPM C 2 . ? -10.043 3.843   -11.671 1.00 8.15  ? 13 SPM A C2    1 
HETATM 243 C C3    . SPM C 2 . ? -9.646  4.003   -10.221 1.00 7.32  ? 13 SPM A C3    1 
HETATM 244 C C4    . SPM C 2 . ? -10.599 3.870   -9.028  1.00 7.48  ? 13 SPM A C4    1 
HETATM 245 N N5    . SPM C 2 . ? -11.539 4.906   -8.865  1.00 5.05  ? 13 SPM A N5    1 
HETATM 246 C C6    . SPM C 2 . ? -12.067 4.765   -7.584  1.00 5.78  ? 13 SPM A C6    1 
HETATM 247 C C7    . SPM C 2 . ? -13.289 5.629   -7.396  1.00 9.39  ? 13 SPM A C7    1 
HETATM 248 C C8    . SPM C 2 . ? -13.646 6.034   -5.987  1.00 4.56  ? 13 SPM A C8    1 
HETATM 249 C C9    . SPM C 2 . ? -14.811 6.984   -5.792  1.00 16.02 ? 13 SPM A C9    1 
HETATM 250 N N10   . SPM C 2 . ? -14.957 7.222   -4.432  1.00 9.96  ? 13 SPM A N10   1 
HETATM 251 C C11   . SPM C 2 . ? -16.023 8.097   -4.229  1.00 19.79 ? 13 SPM A C11   1 
HETATM 252 C C12   . SPM C 2 . ? -16.279 8.363   -2.740  1.00 14.37 ? 13 SPM A C12   1 
HETATM 253 C C13   . SPM C 2 . ? -16.781 9.752   -2.341  1.00 29.15 ? 13 SPM A C13   1 
HETATM 254 N N14   . SPM C 2 . ? -17.919 9.954   -1.544  1.00 20.92 ? 13 SPM A N14   1 
HETATM 255 C CA    . 13D D 3 . ? 0.000   0.000   0.000   1.00 17.58 ? 85 13D B CA    1 
HETATM 256 C CB    . 13D D 3 . ? -1.386  0.296   -0.305  1.00 25.89 ? 85 13D B CB    1 
HETATM 257 C CC    . 13D D 3 . ? -2.165  -0.237  0.753   1.00 34.43 ? 85 13D B CC    1 
HETATM 258 N ND    . 13D D 3 . ? -3.509  0.029   0.457   1.00 15.80 ? 85 13D B ND    1 
HETATM 259 N NAA   . 13D D 3 . ? 1.139   0.308   -0.838  1.00 24.33 ? 85 13D B NAA   1 
HETATM 260 O O     . HOH E 4 . ? -4.819  -5.544  -10.810 1.00 39.31 ? 14 HOH A O     1 
HETATM 261 O O     . HOH E 4 . ? -0.079  2.593   -4.012  1.00 12.58 ? 15 HOH A O     1 
HETATM 262 O O     . HOH E 4 . ? 2.572   8.900   -3.627  1.00 40.35 ? 17 HOH A O     1 
HETATM 263 O O     . HOH E 4 . ? -2.874  1.798   -3.957  1.00 20.24 ? 18 HOH A O     1 
HETATM 264 O O     . HOH E 4 . ? -10.072 7.244   -8.885  1.00 10.86 ? 19 HOH A O     1 
HETATM 265 O O     . HOH E 4 . ? -4.214  0.115   -2.953  1.00 48.25 ? 21 HOH A O     1 
HETATM 266 O O     . HOH E 4 . ? -4.196  -0.449  -13.052 1.00 42.64 ? 26 HOH A O     1 
HETATM 267 O O     . HOH E 4 . ? 0.658   0.471   -11.409 1.00 42.10 ? 28 HOH A O     1 
HETATM 268 O O     . HOH E 4 . ? 1.613   1.154   -7.370  1.00 53.39 ? 29 HOH A O     1 
HETATM 269 O O     . HOH E 4 . ? -6.746  10.755  -8.463  1.00 27.40 ? 30 HOH A O     1 
HETATM 270 O O     . HOH E 4 . ? -11.561 -10.662 -2.456  1.00 15.84 ? 33 HOH A O     1 
HETATM 271 O O     . HOH E 4 . ? -6.708  1.084   -15.091 1.00 12.51 ? 34 HOH A O     1 
HETATM 272 O O     . HOH E 4 . ? -1.068  13.994  -3.278  1.00 46.67 ? 35 HOH A O     1 
HETATM 273 O O     . HOH E 4 . ? -12.921 8.935   -4.365  1.00 27.08 ? 36 HOH A O     1 
HETATM 274 O O     . HOH E 4 . ? -5.239  -5.669  -7.660  1.00 52.80 ? 37 HOH A O     1 
HETATM 275 O O     . HOH E 4 . ? -2.108  5.714   2.718   1.00 20.95 ? 39 HOH A O     1 
HETATM 276 O O     . HOH E 4 . ? -5.053  -2.626  -10.753 1.00 35.84 ? 41 HOH A O     1 
HETATM 277 O O     . HOH E 4 . ? -3.194  3.982   4.653   1.00 34.74 ? 42 HOH A O     1 
HETATM 278 O O     . HOH E 4 . ? -3.700  13.936  -3.070  1.00 62.94 ? 45 HOH A O     1 
HETATM 279 O O     . HOH E 4 . ? -0.866  10.413  -6.457  1.00 53.64 ? 46 HOH A O     1 
HETATM 280 O O     . HOH E 4 . ? -1.598  -0.209  -14.473 1.00 34.08 ? 50 HOH A O     1 
HETATM 281 O O     . HOH E 4 . ? -2.084  -2.621  -9.859  1.00 48.18 ? 51 HOH A O     1 
HETATM 282 O O     . HOH E 4 . ? -13.908 -6.508  -15.524 1.00 39.98 ? 52 HOH A O     1 
HETATM 283 O O     . HOH E 4 . ? -1.784  -0.532  -4.959  1.00 42.25 ? 54 HOH A O     1 
HETATM 284 O O     . HOH E 4 . ? -15.608 -4.770  -6.901  1.00 57.31 ? 56 HOH A O     1 
HETATM 285 O O     . HOH E 4 . ? -11.560 -5.092  -14.163 1.00 55.74 ? 59 HOH A O     1 
HETATM 286 O O     . HOH E 4 . ? -14.245 0.076   -4.954  1.00 49.40 ? 63 HOH A O     1 
HETATM 287 O O     . HOH E 4 . ? 0.461   5.952   4.324   1.00 51.89 ? 64 HOH A O     1 
HETATM 288 O O     . HOH E 4 . ? 1.507   -1.690  -6.888  1.00 49.82 ? 65 HOH A O     1 
HETATM 289 O O     . HOH E 4 . ? -4.684  -2.689  -5.538  1.00 42.02 ? 71 HOH A O     1 
HETATM 290 O O     . HOH E 4 . ? -14.467 -4.200  -4.756  1.00 56.34 ? 73 HOH A O     1 
HETATM 291 O O     . HOH E 4 . ? -6.591  -5.726  -15.564 1.00 49.57 ? 74 HOH A O     1 
HETATM 292 O O     . HOH E 4 . ? -6.004  -1.916  -14.203 1.00 53.02 ? 75 HOH A O     1 
HETATM 293 O O     . HOH E 4 . ? -4.253  -4.159  -14.108 1.00 60.66 ? 77 HOH A O     1 
HETATM 294 O O     . HOH E 4 . ? -8.382  10.049  -6.468  1.00 34.63 ? 78 HOH A O     1 
HETATM 295 O O     . HOH E 4 . ? -0.349  -2.861  -12.085 1.00 49.47 ? 79 HOH A O     1 
HETATM 296 O O     . HOH E 4 . ? 1.443   9.987   -5.235  1.00 39.81 ? 80 HOH A O     1 
HETATM 297 O O     . HOH E 4 . ? 2.057   2.448   3.021   1.00 56.60 ? 81 HOH A O     1 
HETATM 298 O O     . HOH F 4 . ? -5.887  2.174   5.983   1.00 22.20 ? 16 HOH B O     1 
HETATM 299 O O     . HOH F 4 . ? -12.891 1.019   -7.432  1.00 20.31 ? 20 HOH B O     1 
HETATM 300 O O     . HOH F 4 . ? -12.773 -7.469  -2.810  1.00 46.99 ? 22 HOH B O     1 
HETATM 301 O O     . HOH F 4 . ? -15.016 -0.008  -9.894  1.00 42.53 ? 23 HOH B O     1 
HETATM 302 O O     . HOH F 4 . ? -1.759  -6.134  -9.789  1.00 29.18 ? 24 HOH B O     1 
HETATM 303 O O     . HOH F 4 . ? -3.017  0.823   4.823   1.00 31.91 ? 25 HOH B O     1 
HETATM 304 O O     . HOH F 4 . ? -13.240 2.321   -5.054  1.00 44.61 ? 27 HOH B O     1 
HETATM 305 O O     . HOH F 4 . ? -2.101  -2.369  -2.780  1.00 16.74 ? 31 HOH B O     1 
HETATM 306 O O     . HOH F 4 . ? -2.048  -6.982  -7.375  1.00 19.80 ? 32 HOH B O     1 
HETATM 307 O O     . HOH F 4 . ? -7.583  3.098   3.751   1.00 40.44 ? 38 HOH B O     1 
HETATM 308 O O     . HOH F 4 . ? -9.041  -0.272  5.869   1.00 24.12 ? 40 HOH B O     1 
HETATM 309 O O     . HOH F 4 . ? -12.807 10.439  3.953   1.00 31.07 ? 43 HOH B O     1 
HETATM 310 O O     . HOH F 4 . ? -6.063  6.039   5.315   1.00 49.79 ? 44 HOH B O     1 
HETATM 311 O O     . HOH F 4 . ? -3.243  2.603   1.122   1.00 34.08 ? 47 HOH B O     1 
HETATM 312 O O     . HOH F 4 . ? -0.480  -0.441  4.934   1.00 47.95 ? 48 HOH B O     1 
HETATM 313 O O     . HOH F 4 . ? -1.434  -3.358  -7.279  1.00 42.88 ? 49 HOH B O     1 
HETATM 314 O O     . HOH F 4 . ? -7.970  3.563   7.560   1.00 64.27 ? 53 HOH B O     1 
HETATM 315 O O     . HOH F 4 . ? -14.487 2.884   -2.774  1.00 36.67 ? 55 HOH B O     1 
HETATM 316 O O     . HOH F 4 . ? -6.173  -12.704 -0.061  1.00 65.28 ? 57 HOH B O     1 
HETATM 317 O O     . HOH F 4 . ? -6.686  -10.061 -0.440  1.00 53.06 ? 58 HOH B O     1 
HETATM 318 O O     . HOH F 4 . ? -10.068 2.158   5.997   1.00 57.29 ? 60 HOH B O     1 
HETATM 319 O O     . HOH F 4 . ? -13.567 8.268   5.713   1.00 36.25 ? 61 HOH B O     1 
HETATM 320 O O     . HOH F 4 . ? -12.342 9.463   -1.782  1.00 54.47 ? 62 HOH B O     1 
HETATM 321 O O     . HOH F 4 . ? -5.806  5.771   3.262   1.00 49.62 ? 66 HOH B O     1 
HETATM 322 O O     . HOH F 4 . ? -11.975 5.925   8.130   1.00 40.70 ? 67 HOH B O     1 
HETATM 323 O O     . HOH F 4 . ? -13.095 -1.293  -1.759  1.00 52.11 ? 68 HOH B O     1 
HETATM 324 O O     . HOH F 4 . ? -13.549 -6.594  0.010   1.00 43.03 ? 69 HOH B O     1 
HETATM 325 O O     . HOH F 4 . ? 2.233   -13.585 -5.313  1.00 56.99 ? 70 HOH B O     1 
HETATM 326 O O     . HOH F 4 . ? 0.843   -4.261  -8.535  1.00 63.53 ? 72 HOH B O     1 
HETATM 327 O O     . HOH F 4 . ? -14.020 0.357   5.076   1.00 53.80 ? 76 HOH B O     1 
HETATM 328 O O     . HOH F 4 . ? -1.592  -2.859  -0.111  1.00 47.35 ? 82 HOH B O     1 
HETATM 329 O O     . HOH F 4 . ? -3.772  -2.775  -0.564  1.00 16.63 ? 83 HOH B O     1 
HETATM 330 O O     . HOH F 4 . ? -4.559  1.776   -0.699  1.00 51.13 ? 84 HOH B O     1 
# 
loop_
_pdbx_poly_seq_scheme.asym_id 
_pdbx_poly_seq_scheme.entity_id 
_pdbx_poly_seq_scheme.seq_id 
_pdbx_poly_seq_scheme.mon_id 
_pdbx_poly_seq_scheme.ndb_seq_num 
_pdbx_poly_seq_scheme.pdb_seq_num 
_pdbx_poly_seq_scheme.auth_seq_num 
_pdbx_poly_seq_scheme.pdb_mon_id 
_pdbx_poly_seq_scheme.auth_mon_id 
_pdbx_poly_seq_scheme.pdb_strand_id 
_pdbx_poly_seq_scheme.pdb_ins_code 
_pdbx_poly_seq_scheme.hetero 
A 1 1 DC 1 1  1  DC CYT A . n 
A 1 2 DA 2 2  2  DA ADE A . n 
A 1 3 DC 3 3  3  DC CYT A . n 
A 1 4 DG 4 4  4  DG GUA A . n 
A 1 5 DT 5 5  5  DT THY A . n 
A 1 6 DG 6 6  6  DG GUA A . n 
B 1 1 DC 1 7  7  DC CYT B . n 
B 1 2 DA 2 8  8  DA ADE B . n 
B 1 3 DC 3 9  9  DC CYT B . n 
B 1 4 DG 4 10 10 DG GUA B . n 
B 1 5 DT 5 11 11 DT THY B . n 
B 1 6 DG 6 12 12 DG GUA B . n 
# 
loop_
_pdbx_nonpoly_scheme.asym_id 
_pdbx_nonpoly_scheme.entity_id 
_pdbx_nonpoly_scheme.mon_id 
_pdbx_nonpoly_scheme.ndb_seq_num 
_pdbx_nonpoly_scheme.pdb_seq_num 
_pdbx_nonpoly_scheme.auth_seq_num 
_pdbx_nonpoly_scheme.pdb_mon_id 
_pdbx_nonpoly_scheme.auth_mon_id 
_pdbx_nonpoly_scheme.pdb_strand_id 
_pdbx_nonpoly_scheme.pdb_ins_code 
C 2 SPM 1  13 13 SPM SP  A . 
D 3 13D 1  85 85 13D Z5  B . 
E 4 HOH 1  14 14 HOH WAT A . 
E 4 HOH 2  15 15 HOH WAT A . 
E 4 HOH 3  17 17 HOH WAT A . 
E 4 HOH 4  18 18 HOH WAT A . 
E 4 HOH 5  19 19 HOH WAT A . 
E 4 HOH 6  21 21 HOH WAT A . 
E 4 HOH 7  26 26 HOH WAT A . 
E 4 HOH 8  28 28 HOH WAT A . 
E 4 HOH 9  29 29 HOH WAT A . 
E 4 HOH 10 30 30 HOH WAT A . 
E 4 HOH 11 33 33 HOH WAT A . 
E 4 HOH 12 34 34 HOH WAT A . 
E 4 HOH 13 35 35 HOH WAT A . 
E 4 HOH 14 36 36 HOH WAT A . 
E 4 HOH 15 37 37 HOH WAT A . 
E 4 HOH 16 39 39 HOH WAT A . 
E 4 HOH 17 41 41 HOH WAT A . 
E 4 HOH 18 42 42 HOH WAT A . 
E 4 HOH 19 45 45 HOH WAT A . 
E 4 HOH 20 46 46 HOH WAT A . 
E 4 HOH 21 50 50 HOH WAT A . 
E 4 HOH 22 51 51 HOH WAT A . 
E 4 HOH 23 52 52 HOH WAT A . 
E 4 HOH 24 54 54 HOH WAT A . 
E 4 HOH 25 56 56 HOH WAT A . 
E 4 HOH 26 59 59 HOH WAT A . 
E 4 HOH 27 63 63 HOH WAT A . 
E 4 HOH 28 64 64 HOH WAT A . 
E 4 HOH 29 65 65 HOH WAT A . 
E 4 HOH 30 71 71 HOH WAT A . 
E 4 HOH 31 73 73 HOH WAT A . 
E 4 HOH 32 74 74 HOH WAT A . 
E 4 HOH 33 75 75 HOH WAT A . 
E 4 HOH 34 77 77 HOH WAT A . 
E 4 HOH 35 78 78 HOH WAT A . 
E 4 HOH 36 79 79 HOH WAT A . 
E 4 HOH 37 80 80 HOH WAT A . 
E 4 HOH 38 81 81 HOH WAT A . 
F 4 HOH 1  16 16 HOH WAT B . 
F 4 HOH 2  20 20 HOH WAT B . 
F 4 HOH 3  22 22 HOH WAT B . 
F 4 HOH 4  23 23 HOH WAT B . 
F 4 HOH 5  24 24 HOH WAT B . 
F 4 HOH 6  25 25 HOH WAT B . 
F 4 HOH 7  27 27 HOH WAT B . 
F 4 HOH 8  31 31 HOH WAT B . 
F 4 HOH 9  32 32 HOH WAT B . 
F 4 HOH 10 38 38 HOH WAT B . 
F 4 HOH 11 40 40 HOH WAT B . 
F 4 HOH 12 43 43 HOH WAT B . 
F 4 HOH 13 44 44 HOH WAT B . 
F 4 HOH 14 47 47 HOH WAT B . 
F 4 HOH 15 48 48 HOH WAT B . 
F 4 HOH 16 49 49 HOH WAT B . 
F 4 HOH 17 53 53 HOH WAT B . 
F 4 HOH 18 55 55 HOH WAT B . 
F 4 HOH 19 57 57 HOH WAT B . 
F 4 HOH 20 58 58 HOH WAT B . 
F 4 HOH 21 60 60 HOH WAT B . 
F 4 HOH 22 61 61 HOH WAT B . 
F 4 HOH 23 62 62 HOH WAT B . 
F 4 HOH 24 66 66 HOH WAT B . 
F 4 HOH 25 67 67 HOH WAT B . 
F 4 HOH 26 68 68 HOH WAT B . 
F 4 HOH 27 69 69 HOH WAT B . 
F 4 HOH 28 70 70 HOH WAT B . 
F 4 HOH 29 72 72 HOH WAT B . 
F 4 HOH 30 76 76 HOH WAT B . 
F 4 HOH 31 82 82 HOH WAT B . 
F 4 HOH 32 83 83 HOH WAT B . 
F 4 HOH 33 84 84 HOH WAT B . 
# 
_pdbx_struct_assembly.id                   1 
_pdbx_struct_assembly.details              author_defined_assembly 
_pdbx_struct_assembly.method_details       ? 
_pdbx_struct_assembly.oligomeric_details   dimeric 
_pdbx_struct_assembly.oligomeric_count     2 
# 
_pdbx_struct_assembly_gen.assembly_id       1 
_pdbx_struct_assembly_gen.oper_expression   1 
_pdbx_struct_assembly_gen.asym_id_list      A,B,C,D,E,F 
# 
_pdbx_struct_oper_list.id                   1 
_pdbx_struct_oper_list.type                 'identity operation' 
_pdbx_struct_oper_list.name                 1_555 
_pdbx_struct_oper_list.symmetry_operation   x,y,z 
_pdbx_struct_oper_list.matrix[1][1]         1.0000000000 
_pdbx_struct_oper_list.matrix[1][2]         0.0000000000 
_pdbx_struct_oper_list.matrix[1][3]         0.0000000000 
_pdbx_struct_oper_list.vector[1]            0.0000000000 
_pdbx_struct_oper_list.matrix[2][1]         0.0000000000 
_pdbx_struct_oper_list.matrix[2][2]         1.0000000000 
_pdbx_struct_oper_list.matrix[2][3]         0.0000000000 
_pdbx_struct_oper_list.vector[2]            0.0000000000 
_pdbx_struct_oper_list.matrix[3][1]         0.0000000000 
_pdbx_struct_oper_list.matrix[3][2]         0.0000000000 
_pdbx_struct_oper_list.matrix[3][3]         1.0000000000 
_pdbx_struct_oper_list.vector[3]            0.0000000000 
# 
loop_
_pdbx_audit_revision_history.ordinal 
_pdbx_audit_revision_history.data_content_type 
_pdbx_audit_revision_history.major_revision 
_pdbx_audit_revision_history.minor_revision 
_pdbx_audit_revision_history.revision_date 
1 'Structure model' 1 0 2006-01-31 
2 'Structure model' 1 1 2008-05-01 
3 'Structure model' 1 2 2011-07-13 
4 'Structure model' 1 3 2018-04-04 
5 'Structure model' 1 4 2018-04-18 
6 'Structure model' 1 5 2023-08-30 
# 
_pdbx_audit_revision_details.ordinal             1 
_pdbx_audit_revision_details.revision_ordinal    1 
_pdbx_audit_revision_details.data_content_type   'Structure model' 
_pdbx_audit_revision_details.provider            repository 
_pdbx_audit_revision_details.type                'Initial release' 
_pdbx_audit_revision_details.description         ? 
_pdbx_audit_revision_details.details             ? 
# 
loop_
_pdbx_audit_revision_group.ordinal 
_pdbx_audit_revision_group.revision_ordinal 
_pdbx_audit_revision_group.data_content_type 
_pdbx_audit_revision_group.group 
1 2 'Structure model' 'Version format compliance' 
2 3 'Structure model' 'Version format compliance' 
3 4 'Structure model' 'Data collection'           
4 5 'Structure model' 'Data collection'           
5 6 'Structure model' 'Data collection'           
6 6 'Structure model' 'Database references'       
7 6 'Structure model' 'Derived calculations'      
8 6 'Structure model' 'Refinement description'    
# 
loop_
_pdbx_audit_revision_category.ordinal 
_pdbx_audit_revision_category.revision_ordinal 
_pdbx_audit_revision_category.data_content_type 
_pdbx_audit_revision_category.category 
1 4 'Structure model' diffrn_source                 
2 5 'Structure model' diffrn_detector               
3 6 'Structure model' chem_comp_atom                
4 6 'Structure model' chem_comp_bond                
5 6 'Structure model' database_2                    
6 6 'Structure model' pdbx_initial_refinement_model 
7 6 'Structure model' struct_site                   
# 
loop_
_pdbx_audit_revision_item.ordinal 
_pdbx_audit_revision_item.revision_ordinal 
_pdbx_audit_revision_item.data_content_type 
_pdbx_audit_revision_item.item 
1 4 'Structure model' '_diffrn_source.type'                 
2 5 'Structure model' '_diffrn_detector.detector'           
3 6 'Structure model' '_database_2.pdbx_DOI'                
4 6 'Structure model' '_database_2.pdbx_database_accession' 
5 6 'Structure model' '_struct_site.pdbx_auth_asym_id'      
6 6 'Structure model' '_struct_site.pdbx_auth_comp_id'      
7 6 'Structure model' '_struct_site.pdbx_auth_seq_id'       
# 
loop_
_software.name 
_software.classification 
_software.version 
_software.citation_id 
_software.pdbx_ordinal 
CAD4   'data collection' .                    ? 1 
CAD4   'data reduction'  'associated program' ? 2 
X-PLOR 'model building'  .                    ? 3 
X-PLOR refinement        .                    ? 4 
CAD4   'data scaling'    .                    ? 5 
X-PLOR phasing           .                    ? 6 
# 
_pdbx_database_remark.id     600 
_pdbx_database_remark.text   
;HETEROGEN
Ligand Z5 in the manuscript is labeled as 13D in the 
coordinate file.
;
# 
_pdbx_validate_close_contact.id               1 
_pdbx_validate_close_contact.PDB_model_num    1 
_pdbx_validate_close_contact.auth_atom_id_1   O 
_pdbx_validate_close_contact.auth_asym_id_1   B 
_pdbx_validate_close_contact.auth_comp_id_1   HOH 
_pdbx_validate_close_contact.auth_seq_id_1    44 
_pdbx_validate_close_contact.PDB_ins_code_1   ? 
_pdbx_validate_close_contact.label_alt_id_1   ? 
_pdbx_validate_close_contact.auth_atom_id_2   O 
_pdbx_validate_close_contact.auth_asym_id_2   B 
_pdbx_validate_close_contact.auth_comp_id_2   HOH 
_pdbx_validate_close_contact.auth_seq_id_2    66 
_pdbx_validate_close_contact.PDB_ins_code_2   ? 
_pdbx_validate_close_contact.label_alt_id_2   ? 
_pdbx_validate_close_contact.dist             2.09 
# 
loop_
_pdbx_validate_rmsd_angle.id 
_pdbx_validate_rmsd_angle.PDB_model_num 
_pdbx_validate_rmsd_angle.auth_atom_id_1 
_pdbx_validate_rmsd_angle.auth_asym_id_1 
_pdbx_validate_rmsd_angle.auth_comp_id_1 
_pdbx_validate_rmsd_angle.auth_seq_id_1 
_pdbx_validate_rmsd_angle.PDB_ins_code_1 
_pdbx_validate_rmsd_angle.label_alt_id_1 
_pdbx_validate_rmsd_angle.auth_atom_id_2 
_pdbx_validate_rmsd_angle.auth_asym_id_2 
_pdbx_validate_rmsd_angle.auth_comp_id_2 
_pdbx_validate_rmsd_angle.auth_seq_id_2 
_pdbx_validate_rmsd_angle.PDB_ins_code_2 
_pdbx_validate_rmsd_angle.label_alt_id_2 
_pdbx_validate_rmsd_angle.auth_atom_id_3 
_pdbx_validate_rmsd_angle.auth_asym_id_3 
_pdbx_validate_rmsd_angle.auth_comp_id_3 
_pdbx_validate_rmsd_angle.auth_seq_id_3 
_pdbx_validate_rmsd_angle.PDB_ins_code_3 
_pdbx_validate_rmsd_angle.label_alt_id_3 
_pdbx_validate_rmsd_angle.angle_value 
_pdbx_validate_rmsd_angle.angle_target_value 
_pdbx_validate_rmsd_angle.angle_deviation 
_pdbx_validate_rmsd_angle.angle_standard_deviation 
_pdbx_validate_rmsd_angle.linker_flag 
1  1 "O4'" A DC 1  ? ? "C1'" A DC 1  ? ? N1 A DC 1  ? ? 112.66 108.30 4.36  0.30 N 
2  1 "O4'" A DA 2  ? ? "C1'" A DA 2  ? ? N9 A DA 2  ? ? 110.90 108.30 2.60  0.30 N 
3  1 "O4'" A DG 4  ? ? "C1'" A DG 4  ? ? N9 A DG 4  ? ? 111.19 108.30 2.89  0.30 N 
4  1 C6    A DT 5  ? ? C5    A DT 5  ? ? C7 A DT 5  ? ? 119.04 122.90 -3.86 0.60 N 
5  1 "O4'" A DG 6  ? ? "C1'" A DG 6  ? ? N9 A DG 6  ? ? 110.40 108.30 2.10  0.30 N 
6  1 "O4'" B DC 7  ? ? "C1'" B DC 7  ? ? N1 B DC 7  ? ? 110.44 108.30 2.14  0.30 N 
7  1 N1    B DC 9  ? ? C2    B DC 9  ? ? O2 B DC 9  ? ? 122.75 118.90 3.85  0.60 N 
8  1 "O4'" B DT 11 ? ? "C1'" B DT 11 ? ? N1 B DT 11 ? ? 111.13 108.30 2.83  0.30 N 
9  1 C6    B DT 11 ? ? C5    B DT 11 ? ? C7 B DT 11 ? ? 119.15 122.90 -3.75 0.60 N 
10 1 "O4'" B DG 12 ? ? "C1'" B DG 12 ? ? N9 B DG 12 ? ? 112.46 108.30 4.16  0.30 N 
# 
loop_
_pdbx_validate_planes.id 
_pdbx_validate_planes.PDB_model_num 
_pdbx_validate_planes.auth_comp_id 
_pdbx_validate_planes.auth_asym_id 
_pdbx_validate_planes.auth_seq_id 
_pdbx_validate_planes.PDB_ins_code 
_pdbx_validate_planes.label_alt_id 
_pdbx_validate_planes.rmsd 
_pdbx_validate_planes.type 
1 1 DA A 2  ? ? 0.060 'SIDE CHAIN' 
2 1 DG A 6  ? ? 0.070 'SIDE CHAIN' 
3 1 DC B 9  ? ? 0.062 'SIDE CHAIN' 
4 1 DG B 12 ? ? 0.064 'SIDE CHAIN' 
# 
loop_
_chem_comp_atom.comp_id 
_chem_comp_atom.atom_id 
_chem_comp_atom.type_symbol 
_chem_comp_atom.pdbx_aromatic_flag 
_chem_comp_atom.pdbx_stereo_config 
_chem_comp_atom.pdbx_ordinal 
13D CA     C N N 1   
13D CB     C N N 2   
13D CC     C N N 3   
13D ND     N N N 4   
13D NAA    N N N 5   
13D HAC1   H N N 6   
13D HAC2   H N N 7   
13D HBC1   H N N 8   
13D HBC2   H N N 9   
13D HCC1   H N N 10  
13D HCC2   H N N 11  
13D HDN1   H N N 12  
13D HDN2   H N N 13  
13D HAA1   H N N 14  
13D HAA2   H N N 15  
DA  OP3    O N N 16  
DA  P      P N N 17  
DA  OP1    O N N 18  
DA  OP2    O N N 19  
DA  "O5'"  O N N 20  
DA  "C5'"  C N N 21  
DA  "C4'"  C N R 22  
DA  "O4'"  O N N 23  
DA  "C3'"  C N S 24  
DA  "O3'"  O N N 25  
DA  "C2'"  C N N 26  
DA  "C1'"  C N R 27  
DA  N9     N Y N 28  
DA  C8     C Y N 29  
DA  N7     N Y N 30  
DA  C5     C Y N 31  
DA  C6     C Y N 32  
DA  N6     N N N 33  
DA  N1     N Y N 34  
DA  C2     C Y N 35  
DA  N3     N Y N 36  
DA  C4     C Y N 37  
DA  HOP3   H N N 38  
DA  HOP2   H N N 39  
DA  "H5'"  H N N 40  
DA  "H5''" H N N 41  
DA  "H4'"  H N N 42  
DA  "H3'"  H N N 43  
DA  "HO3'" H N N 44  
DA  "H2'"  H N N 45  
DA  "H2''" H N N 46  
DA  "H1'"  H N N 47  
DA  H8     H N N 48  
DA  H61    H N N 49  
DA  H62    H N N 50  
DA  H2     H N N 51  
DC  OP3    O N N 52  
DC  P      P N N 53  
DC  OP1    O N N 54  
DC  OP2    O N N 55  
DC  "O5'"  O N N 56  
DC  "C5'"  C N N 57  
DC  "C4'"  C N R 58  
DC  "O4'"  O N N 59  
DC  "C3'"  C N S 60  
DC  "O3'"  O N N 61  
DC  "C2'"  C N N 62  
DC  "C1'"  C N R 63  
DC  N1     N N N 64  
DC  C2     C N N 65  
DC  O2     O N N 66  
DC  N3     N N N 67  
DC  C4     C N N 68  
DC  N4     N N N 69  
DC  C5     C N N 70  
DC  C6     C N N 71  
DC  HOP3   H N N 72  
DC  HOP2   H N N 73  
DC  "H5'"  H N N 74  
DC  "H5''" H N N 75  
DC  "H4'"  H N N 76  
DC  "H3'"  H N N 77  
DC  "HO3'" H N N 78  
DC  "H2'"  H N N 79  
DC  "H2''" H N N 80  
DC  "H1'"  H N N 81  
DC  H41    H N N 82  
DC  H42    H N N 83  
DC  H5     H N N 84  
DC  H6     H N N 85  
DG  OP3    O N N 86  
DG  P      P N N 87  
DG  OP1    O N N 88  
DG  OP2    O N N 89  
DG  "O5'"  O N N 90  
DG  "C5'"  C N N 91  
DG  "C4'"  C N R 92  
DG  "O4'"  O N N 93  
DG  "C3'"  C N S 94  
DG  "O3'"  O N N 95  
DG  "C2'"  C N N 96  
DG  "C1'"  C N R 97  
DG  N9     N Y N 98  
DG  C8     C Y N 99  
DG  N7     N Y N 100 
DG  C5     C Y N 101 
DG  C6     C N N 102 
DG  O6     O N N 103 
DG  N1     N N N 104 
DG  C2     C N N 105 
DG  N2     N N N 106 
DG  N3     N N N 107 
DG  C4     C Y N 108 
DG  HOP3   H N N 109 
DG  HOP2   H N N 110 
DG  "H5'"  H N N 111 
DG  "H5''" H N N 112 
DG  "H4'"  H N N 113 
DG  "H3'"  H N N 114 
DG  "HO3'" H N N 115 
DG  "H2'"  H N N 116 
DG  "H2''" H N N 117 
DG  "H1'"  H N N 118 
DG  H8     H N N 119 
DG  H1     H N N 120 
DG  H21    H N N 121 
DG  H22    H N N 122 
DT  OP3    O N N 123 
DT  P      P N N 124 
DT  OP1    O N N 125 
DT  OP2    O N N 126 
DT  "O5'"  O N N 127 
DT  "C5'"  C N N 128 
DT  "C4'"  C N R 129 
DT  "O4'"  O N N 130 
DT  "C3'"  C N S 131 
DT  "O3'"  O N N 132 
DT  "C2'"  C N N 133 
DT  "C1'"  C N R 134 
DT  N1     N N N 135 
DT  C2     C N N 136 
DT  O2     O N N 137 
DT  N3     N N N 138 
DT  C4     C N N 139 
DT  O4     O N N 140 
DT  C5     C N N 141 
DT  C7     C N N 142 
DT  C6     C N N 143 
DT  HOP3   H N N 144 
DT  HOP2   H N N 145 
DT  "H5'"  H N N 146 
DT  "H5''" H N N 147 
DT  "H4'"  H N N 148 
DT  "H3'"  H N N 149 
DT  "HO3'" H N N 150 
DT  "H2'"  H N N 151 
DT  "H2''" H N N 152 
DT  "H1'"  H N N 153 
DT  H3     H N N 154 
DT  H71    H N N 155 
DT  H72    H N N 156 
DT  H73    H N N 157 
DT  H6     H N N 158 
HOH O      O N N 159 
HOH H1     H N N 160 
HOH H2     H N N 161 
SPM N1     N N N 162 
SPM C2     C N N 163 
SPM C3     C N N 164 
SPM C4     C N N 165 
SPM N5     N N N 166 
SPM C6     C N N 167 
SPM C7     C N N 168 
SPM C8     C N N 169 
SPM C9     C N N 170 
SPM N10    N N N 171 
SPM C11    C N N 172 
SPM C12    C N N 173 
SPM C13    C N N 174 
SPM N14    N N N 175 
SPM HN11   H N N 176 
SPM HN12   H N N 177 
SPM H21    H N N 178 
SPM H22    H N N 179 
SPM H31    H N N 180 
SPM H32    H N N 181 
SPM H41    H N N 182 
SPM H42    H N N 183 
SPM HN5    H N N 184 
SPM H61    H N N 185 
SPM H62    H N N 186 
SPM H71    H N N 187 
SPM H72    H N N 188 
SPM H81    H N N 189 
SPM H82    H N N 190 
SPM H91    H N N 191 
SPM H92    H N N 192 
SPM HN0    H N N 193 
SPM H111   H N N 194 
SPM H112   H N N 195 
SPM H121   H N N 196 
SPM H122   H N N 197 
SPM H131   H N N 198 
SPM H132   H N N 199 
SPM HN41   H N N 200 
SPM HN42   H N N 201 
# 
loop_
_chem_comp_bond.comp_id 
_chem_comp_bond.atom_id_1 
_chem_comp_bond.atom_id_2 
_chem_comp_bond.value_order 
_chem_comp_bond.pdbx_aromatic_flag 
_chem_comp_bond.pdbx_stereo_config 
_chem_comp_bond.pdbx_ordinal 
13D CA    CB     sing N N 1   
13D CA    NAA    sing N N 2   
13D CA    HAC1   sing N N 3   
13D CA    HAC2   sing N N 4   
13D CB    CC     sing N N 5   
13D CB    HBC1   sing N N 6   
13D CB    HBC2   sing N N 7   
13D CC    ND     sing N N 8   
13D CC    HCC1   sing N N 9   
13D CC    HCC2   sing N N 10  
13D ND    HDN1   sing N N 11  
13D ND    HDN2   sing N N 12  
13D NAA   HAA1   sing N N 13  
13D NAA   HAA2   sing N N 14  
DA  OP3   P      sing N N 15  
DA  OP3   HOP3   sing N N 16  
DA  P     OP1    doub N N 17  
DA  P     OP2    sing N N 18  
DA  P     "O5'"  sing N N 19  
DA  OP2   HOP2   sing N N 20  
DA  "O5'" "C5'"  sing N N 21  
DA  "C5'" "C4'"  sing N N 22  
DA  "C5'" "H5'"  sing N N 23  
DA  "C5'" "H5''" sing N N 24  
DA  "C4'" "O4'"  sing N N 25  
DA  "C4'" "C3'"  sing N N 26  
DA  "C4'" "H4'"  sing N N 27  
DA  "O4'" "C1'"  sing N N 28  
DA  "C3'" "O3'"  sing N N 29  
DA  "C3'" "C2'"  sing N N 30  
DA  "C3'" "H3'"  sing N N 31  
DA  "O3'" "HO3'" sing N N 32  
DA  "C2'" "C1'"  sing N N 33  
DA  "C2'" "H2'"  sing N N 34  
DA  "C2'" "H2''" sing N N 35  
DA  "C1'" N9     sing N N 36  
DA  "C1'" "H1'"  sing N N 37  
DA  N9    C8     sing Y N 38  
DA  N9    C4     sing Y N 39  
DA  C8    N7     doub Y N 40  
DA  C8    H8     sing N N 41  
DA  N7    C5     sing Y N 42  
DA  C5    C6     sing Y N 43  
DA  C5    C4     doub Y N 44  
DA  C6    N6     sing N N 45  
DA  C6    N1     doub Y N 46  
DA  N6    H61    sing N N 47  
DA  N6    H62    sing N N 48  
DA  N1    C2     sing Y N 49  
DA  C2    N3     doub Y N 50  
DA  C2    H2     sing N N 51  
DA  N3    C4     sing Y N 52  
DC  OP3   P      sing N N 53  
DC  OP3   HOP3   sing N N 54  
DC  P     OP1    doub N N 55  
DC  P     OP2    sing N N 56  
DC  P     "O5'"  sing N N 57  
DC  OP2   HOP2   sing N N 58  
DC  "O5'" "C5'"  sing N N 59  
DC  "C5'" "C4'"  sing N N 60  
DC  "C5'" "H5'"  sing N N 61  
DC  "C5'" "H5''" sing N N 62  
DC  "C4'" "O4'"  sing N N 63  
DC  "C4'" "C3'"  sing N N 64  
DC  "C4'" "H4'"  sing N N 65  
DC  "O4'" "C1'"  sing N N 66  
DC  "C3'" "O3'"  sing N N 67  
DC  "C3'" "C2'"  sing N N 68  
DC  "C3'" "H3'"  sing N N 69  
DC  "O3'" "HO3'" sing N N 70  
DC  "C2'" "C1'"  sing N N 71  
DC  "C2'" "H2'"  sing N N 72  
DC  "C2'" "H2''" sing N N 73  
DC  "C1'" N1     sing N N 74  
DC  "C1'" "H1'"  sing N N 75  
DC  N1    C2     sing N N 76  
DC  N1    C6     sing N N 77  
DC  C2    O2     doub N N 78  
DC  C2    N3     sing N N 79  
DC  N3    C4     doub N N 80  
DC  C4    N4     sing N N 81  
DC  C4    C5     sing N N 82  
DC  N4    H41    sing N N 83  
DC  N4    H42    sing N N 84  
DC  C5    C6     doub N N 85  
DC  C5    H5     sing N N 86  
DC  C6    H6     sing N N 87  
DG  OP3   P      sing N N 88  
DG  OP3   HOP3   sing N N 89  
DG  P     OP1    doub N N 90  
DG  P     OP2    sing N N 91  
DG  P     "O5'"  sing N N 92  
DG  OP2   HOP2   sing N N 93  
DG  "O5'" "C5'"  sing N N 94  
DG  "C5'" "C4'"  sing N N 95  
DG  "C5'" "H5'"  sing N N 96  
DG  "C5'" "H5''" sing N N 97  
DG  "C4'" "O4'"  sing N N 98  
DG  "C4'" "C3'"  sing N N 99  
DG  "C4'" "H4'"  sing N N 100 
DG  "O4'" "C1'"  sing N N 101 
DG  "C3'" "O3'"  sing N N 102 
DG  "C3'" "C2'"  sing N N 103 
DG  "C3'" "H3'"  sing N N 104 
DG  "O3'" "HO3'" sing N N 105 
DG  "C2'" "C1'"  sing N N 106 
DG  "C2'" "H2'"  sing N N 107 
DG  "C2'" "H2''" sing N N 108 
DG  "C1'" N9     sing N N 109 
DG  "C1'" "H1'"  sing N N 110 
DG  N9    C8     sing Y N 111 
DG  N9    C4     sing Y N 112 
DG  C8    N7     doub Y N 113 
DG  C8    H8     sing N N 114 
DG  N7    C5     sing Y N 115 
DG  C5    C6     sing N N 116 
DG  C5    C4     doub Y N 117 
DG  C6    O6     doub N N 118 
DG  C6    N1     sing N N 119 
DG  N1    C2     sing N N 120 
DG  N1    H1     sing N N 121 
DG  C2    N2     sing N N 122 
DG  C2    N3     doub N N 123 
DG  N2    H21    sing N N 124 
DG  N2    H22    sing N N 125 
DG  N3    C4     sing N N 126 
DT  OP3   P      sing N N 127 
DT  OP3   HOP3   sing N N 128 
DT  P     OP1    doub N N 129 
DT  P     OP2    sing N N 130 
DT  P     "O5'"  sing N N 131 
DT  OP2   HOP2   sing N N 132 
DT  "O5'" "C5'"  sing N N 133 
DT  "C5'" "C4'"  sing N N 134 
DT  "C5'" "H5'"  sing N N 135 
DT  "C5'" "H5''" sing N N 136 
DT  "C4'" "O4'"  sing N N 137 
DT  "C4'" "C3'"  sing N N 138 
DT  "C4'" "H4'"  sing N N 139 
DT  "O4'" "C1'"  sing N N 140 
DT  "C3'" "O3'"  sing N N 141 
DT  "C3'" "C2'"  sing N N 142 
DT  "C3'" "H3'"  sing N N 143 
DT  "O3'" "HO3'" sing N N 144 
DT  "C2'" "C1'"  sing N N 145 
DT  "C2'" "H2'"  sing N N 146 
DT  "C2'" "H2''" sing N N 147 
DT  "C1'" N1     sing N N 148 
DT  "C1'" "H1'"  sing N N 149 
DT  N1    C2     sing N N 150 
DT  N1    C6     sing N N 151 
DT  C2    O2     doub N N 152 
DT  C2    N3     sing N N 153 
DT  N3    C4     sing N N 154 
DT  N3    H3     sing N N 155 
DT  C4    O4     doub N N 156 
DT  C4    C5     sing N N 157 
DT  C5    C7     sing N N 158 
DT  C5    C6     doub N N 159 
DT  C7    H71    sing N N 160 
DT  C7    H72    sing N N 161 
DT  C7    H73    sing N N 162 
DT  C6    H6     sing N N 163 
HOH O     H1     sing N N 164 
HOH O     H2     sing N N 165 
SPM N1    C2     sing N N 166 
SPM N1    HN11   sing N N 167 
SPM N1    HN12   sing N N 168 
SPM C2    C3     sing N N 169 
SPM C2    H21    sing N N 170 
SPM C2    H22    sing N N 171 
SPM C3    C4     sing N N 172 
SPM C3    H31    sing N N 173 
SPM C3    H32    sing N N 174 
SPM C4    N5     sing N N 175 
SPM C4    H41    sing N N 176 
SPM C4    H42    sing N N 177 
SPM N5    C6     sing N N 178 
SPM N5    HN5    sing N N 179 
SPM C6    C7     sing N N 180 
SPM C6    H61    sing N N 181 
SPM C6    H62    sing N N 182 
SPM C7    C8     sing N N 183 
SPM C7    H71    sing N N 184 
SPM C7    H72    sing N N 185 
SPM C8    C9     sing N N 186 
SPM C8    H81    sing N N 187 
SPM C8    H82    sing N N 188 
SPM C9    N10    sing N N 189 
SPM C9    H91    sing N N 190 
SPM C9    H92    sing N N 191 
SPM N10   C11    sing N N 192 
SPM N10   HN0    sing N N 193 
SPM C11   C12    sing N N 194 
SPM C11   H111   sing N N 195 
SPM C11   H112   sing N N 196 
SPM C12   C13    sing N N 197 
SPM C12   H121   sing N N 198 
SPM C12   H122   sing N N 199 
SPM C13   N14    sing N N 200 
SPM C13   H131   sing N N 201 
SPM C13   H132   sing N N 202 
SPM N14   HN41   sing N N 203 
SPM N14   HN42   sing N N 204 
# 
_ndb_struct_conf_na.entry_id   2F8W 
_ndb_struct_conf_na.feature    'z-form double helix' 
# 
loop_
_ndb_struct_na_base_pair.model_number 
_ndb_struct_na_base_pair.i_label_asym_id 
_ndb_struct_na_base_pair.i_label_comp_id 
_ndb_struct_na_base_pair.i_label_seq_id 
_ndb_struct_na_base_pair.i_symmetry 
_ndb_struct_na_base_pair.j_label_asym_id 
_ndb_struct_na_base_pair.j_label_comp_id 
_ndb_struct_na_base_pair.j_label_seq_id 
_ndb_struct_na_base_pair.j_symmetry 
_ndb_struct_na_base_pair.shear 
_ndb_struct_na_base_pair.stretch 
_ndb_struct_na_base_pair.stagger 
_ndb_struct_na_base_pair.buckle 
_ndb_struct_na_base_pair.propeller 
_ndb_struct_na_base_pair.opening 
_ndb_struct_na_base_pair.pair_number 
_ndb_struct_na_base_pair.pair_name 
_ndb_struct_na_base_pair.i_auth_asym_id 
_ndb_struct_na_base_pair.i_auth_seq_id 
_ndb_struct_na_base_pair.i_PDB_ins_code 
_ndb_struct_na_base_pair.j_auth_asym_id 
_ndb_struct_na_base_pair.j_auth_seq_id 
_ndb_struct_na_base_pair.j_PDB_ins_code 
_ndb_struct_na_base_pair.hbond_type_28 
_ndb_struct_na_base_pair.hbond_type_12 
1 A DC 1 1_555 B DG 6 1_555 -0.242 -0.173 0.086  6.255   -1.394 2.616 1 A_DC1:DG12_B A 1 ? B 12 ? 19 1 
1 A DA 2 1_555 B DT 5 1_555 0.049  -0.195 -0.182 -10.166 -4.376 1.376 2 A_DA2:DT11_B A 2 ? B 11 ? 20 1 
1 A DC 3 1_555 B DG 4 1_555 -0.271 -0.176 0.134  1.168   4.789  2.043 3 A_DC3:DG10_B A 3 ? B 10 ? 19 1 
1 A DG 4 1_555 B DC 3 1_555 0.251  -0.223 0.103  -6.702  3.214  2.533 4 A_DG4:DC9_B  A 4 ? B 9  ? 19 1 
1 A DT 5 1_555 B DA 2 1_555 -0.123 -0.145 0.012  7.620   -4.336 5.274 5 A_DT5:DA8_B  A 5 ? B 8  ? 20 1 
1 A DG 6 1_555 B DC 1 1_555 0.214  -0.163 -0.012 -1.929  -2.419 2.458 6 A_DG6:DC7_B  A 6 ? B 7  ? 19 1 
# 
loop_
_ndb_struct_na_base_pair_step.model_number 
_ndb_struct_na_base_pair_step.i_label_asym_id_1 
_ndb_struct_na_base_pair_step.i_label_comp_id_1 
_ndb_struct_na_base_pair_step.i_label_seq_id_1 
_ndb_struct_na_base_pair_step.i_symmetry_1 
_ndb_struct_na_base_pair_step.j_label_asym_id_1 
_ndb_struct_na_base_pair_step.j_label_comp_id_1 
_ndb_struct_na_base_pair_step.j_label_seq_id_1 
_ndb_struct_na_base_pair_step.j_symmetry_1 
_ndb_struct_na_base_pair_step.i_label_asym_id_2 
_ndb_struct_na_base_pair_step.i_label_comp_id_2 
_ndb_struct_na_base_pair_step.i_label_seq_id_2 
_ndb_struct_na_base_pair_step.i_symmetry_2 
_ndb_struct_na_base_pair_step.j_label_asym_id_2 
_ndb_struct_na_base_pair_step.j_label_comp_id_2 
_ndb_struct_na_base_pair_step.j_label_seq_id_2 
_ndb_struct_na_base_pair_step.j_symmetry_2 
_ndb_struct_na_base_pair_step.shift 
_ndb_struct_na_base_pair_step.slide 
_ndb_struct_na_base_pair_step.rise 
_ndb_struct_na_base_pair_step.tilt 
_ndb_struct_na_base_pair_step.roll 
_ndb_struct_na_base_pair_step.twist 
_ndb_struct_na_base_pair_step.x_displacement 
_ndb_struct_na_base_pair_step.y_displacement 
_ndb_struct_na_base_pair_step.helical_rise 
_ndb_struct_na_base_pair_step.inclination 
_ndb_struct_na_base_pair_step.tip 
_ndb_struct_na_base_pair_step.helical_twist 
_ndb_struct_na_base_pair_step.step_number 
_ndb_struct_na_base_pair_step.step_name 
_ndb_struct_na_base_pair_step.i_auth_asym_id_1 
_ndb_struct_na_base_pair_step.i_auth_seq_id_1 
_ndb_struct_na_base_pair_step.i_PDB_ins_code_1 
_ndb_struct_na_base_pair_step.j_auth_asym_id_1 
_ndb_struct_na_base_pair_step.j_auth_seq_id_1 
_ndb_struct_na_base_pair_step.j_PDB_ins_code_1 
_ndb_struct_na_base_pair_step.i_auth_asym_id_2 
_ndb_struct_na_base_pair_step.i_auth_seq_id_2 
_ndb_struct_na_base_pair_step.i_PDB_ins_code_2 
_ndb_struct_na_base_pair_step.j_auth_asym_id_2 
_ndb_struct_na_base_pair_step.j_auth_seq_id_2 
_ndb_struct_na_base_pair_step.j_PDB_ins_code_2 
1 A DC 1 1_555 B DG 6 1_555 A DA 2 1_555 B DT 5 1_555 0.208  5.718  3.856 1.003  -3.529 -11.416 -20.768 2.877  5.332 17.168 4.881  
-11.989 1 AA_DC1DA2:DT11DG12_BB A 1 ? B 12 ? A 2 ? B 11 ? 
1 A DA 2 1_555 B DT 5 1_555 A DC 3 1_555 B DG 4 1_555 0.682  -0.436 3.208 -1.611 -3.161 -50.829 0.722   0.683  3.196 3.678  -1.874 
-50.944 2 AA_DA2DC3:DG10DT11_BB A 2 ? B 11 ? A 3 ? B 10 ? 
1 A DC 3 1_555 B DG 4 1_555 A DG 4 1_555 B DC 3 1_555 -0.372 5.429  3.698 -0.963 1.109  -9.884  -33.314 -3.997 3.021 -6.392 -5.547 
-9.992  3 AA_DC3DG4:DC9DG10_BB  A 3 ? B 10 ? A 4 ? B 9  ? 
1 A DG 4 1_555 B DC 3 1_555 A DT 5 1_555 B DA 2 1_555 -0.342 -0.993 3.257 2.018  3.278  -50.298 0.930   -0.257 3.322 -3.851 2.370  
-50.436 4 AA_DG4DT5:DA8DC9_BB   A 4 ? B 9  ? A 5 ? B 8  ? 
1 A DT 5 1_555 B DA 2 1_555 A DG 6 1_555 B DC 1 1_555 -0.311 5.490  3.766 3.619  -0.249 -7.482  -37.061 9.620  3.689 1.776  25.830 
-8.314  5 AA_DT5DG6:DC7DA8_BB   A 5 ? B 8  ? A 6 ? B 7  ? 
# 
loop_
_pdbx_entity_nonpoly.entity_id 
_pdbx_entity_nonpoly.name 
_pdbx_entity_nonpoly.comp_id 
2 SPERMINE           SPM 
3 1,3-DIAMINOPROPANE 13D 
4 water              HOH 
# 
_pdbx_initial_refinement_model.id               1 
_pdbx_initial_refinement_model.entity_id_list   ? 
_pdbx_initial_refinement_model.type             'experimental model' 
_pdbx_initial_refinement_model.source_name      PDB 
_pdbx_initial_refinement_model.accession_code   1D48 
_pdbx_initial_refinement_model.details          'PDB entry 1D48' 
# 
